data_7SAT
#
_entry.id   7SAT
#
_cell.length_a   1.00
_cell.length_b   1.00
_cell.length_c   1.00
_cell.angle_alpha   90.00
_cell.angle_beta   90.00
_cell.angle_gamma   90.00
#
_symmetry.space_group_name_H-M   'P 1'
#
loop_
_entity.id
_entity.type
_entity.pdbx_description
1 polymer 'Por secretion system protein porM/gldM'
2 polymer 'Por secretion system protein porL/gldL'
#
loop_
_entity_poly.entity_id
_entity_poly.type
_entity_poly.pdbx_seq_one_letter_code
_entity_poly.pdbx_strand_id
1 'polypeptide(L)'
;MAVGSNGNANRQKMINLMYLVFIAMMALNVSSEVLDGFDKVDKSLTSSIDGSDKRNNLVLSELNTAYRTNPEKVKVWYER
SLVLQKEADSLCTFIDDLKLAIARESDGKDAKVNDIRRKDNLDASSVVMLNPINGKGSTLRKEVDKFRELVATLMTDKAK
LKLIEQALNTESGTKGKSWESSLFENMPTVAAITLLTKLQSDVRYAQGEVLADLVKSVDVGDYRVNSENLYFQGQFGSWS
HPQFEKGGGSGGGSGGGSWSHPQFEK
;
A,B
2 'polypeptide(L)'
;MGHYRRYKNILEMYLASHKGRRLLNIVYSWGAAVVILGALFKLLHLPMGNEMLFVGMITEFLVFFISGFEKPAMEYHWEE
VFPELDSKNPMDRREMEQRREYLREKAKEAAAYAERPSSVRLASASLGTQPQEQPKPATPFQSQLTGILPEEQIQRLSEG
IDKLAEAGEQLARIGRTAAAMTESYEQMQADQEGLRLNSQSYIQQMESLSRNISGLNTIYEIQLKGISSQIDTIDRINRG
LAHIRDMYDNSVIDSSSFRNENERMARQLTQLNEVYARLLQALTTNVGLPGMPGNFGASNPSSSGSSPL
;
C,D,E,F,G
#
# COMPACT_ATOMS: atom_id res chain seq x y z
N SER A 5 -8.91 -12.16 29.97
CA SER A 5 -7.59 -11.66 30.33
C SER A 5 -7.40 -10.23 29.84
N ASN A 6 -8.46 -9.41 29.96
CA ASN A 6 -8.42 -8.03 29.51
C ASN A 6 -9.21 -7.18 30.49
N GLY A 7 -8.52 -6.33 31.24
CA GLY A 7 -9.17 -5.41 32.16
C GLY A 7 -8.47 -4.08 32.21
N ASN A 8 -7.58 -3.84 31.24
CA ASN A 8 -6.79 -2.62 31.22
C ASN A 8 -7.67 -1.40 30.97
N ALA A 9 -7.25 -0.27 31.51
CA ALA A 9 -8.00 0.97 31.38
C ALA A 9 -7.60 1.77 30.15
N ASN A 10 -6.39 1.56 29.64
CA ASN A 10 -5.91 2.34 28.50
C ASN A 10 -5.61 1.50 27.27
N ARG A 11 -5.33 0.19 27.44
CA ARG A 11 -5.07 -0.65 26.28
C ARG A 11 -6.30 -0.71 25.37
N GLN A 12 -7.49 -0.70 25.96
CA GLN A 12 -8.70 -0.61 25.15
C GLN A 12 -8.70 0.67 24.34
N LYS A 13 -8.35 1.80 24.97
CA LYS A 13 -8.34 3.06 24.26
C LYS A 13 -7.34 3.05 23.11
N MET A 14 -6.15 2.49 23.33
CA MET A 14 -5.14 2.49 22.28
C MET A 14 -5.50 1.55 21.14
N ILE A 15 -6.11 0.41 21.43
CA ILE A 15 -6.54 -0.46 20.34
C ILE A 15 -7.66 0.18 19.54
N ASN A 16 -8.59 0.88 20.21
CA ASN A 16 -9.59 1.62 19.45
C ASN A 16 -8.96 2.71 18.60
N LEU A 17 -7.99 3.43 19.15
CA LEU A 17 -7.33 4.50 18.39
C LEU A 17 -6.59 3.94 17.19
N MET A 18 -5.86 2.83 17.37
CA MET A 18 -5.18 2.20 16.26
C MET A 18 -6.18 1.71 15.22
N TYR A 19 -7.30 1.16 15.68
CA TYR A 19 -8.37 0.78 14.76
C TYR A 19 -8.78 1.95 13.88
N LEU A 20 -9.09 3.08 14.51
CA LEU A 20 -9.55 4.25 13.75
C LEU A 20 -8.48 4.70 12.76
N VAL A 21 -7.25 4.89 13.24
CA VAL A 21 -6.19 5.41 12.39
C VAL A 21 -5.96 4.48 11.20
N PHE A 22 -5.91 3.18 11.45
CA PHE A 22 -5.49 2.25 10.41
C PHE A 22 -6.63 1.81 9.50
N ILE A 23 -7.88 1.85 9.96
CA ILE A 23 -8.98 1.69 9.02
C ILE A 23 -9.06 2.92 8.13
N ALA A 24 -8.75 4.10 8.67
CA ALA A 24 -8.59 5.27 7.82
C ALA A 24 -7.31 5.18 7.01
N MET A 25 -6.26 4.59 7.59
CA MET A 25 -4.95 4.53 6.92
C MET A 25 -5.00 3.70 5.65
N MET A 26 -6.04 2.89 5.47
CA MET A 26 -6.17 2.08 4.26
C MET A 26 -6.31 2.94 3.01
N ALA A 27 -6.64 4.22 3.17
CA ALA A 27 -6.88 5.07 2.02
C ALA A 27 -5.59 5.51 1.33
N LEU A 28 -4.45 5.44 2.02
CA LEU A 28 -3.26 6.06 1.50
C LEU A 28 -2.80 5.40 0.21
N ASN A 29 -1.90 6.10 -0.49
CA ASN A 29 -1.16 5.58 -1.63
C ASN A 29 -0.13 6.65 -1.99
N VAL A 30 0.67 6.37 -3.02
CA VAL A 30 1.58 7.39 -3.50
C VAL A 30 0.79 8.58 -4.01
N SER A 31 1.39 9.77 -3.92
CA SER A 31 0.69 11.00 -4.24
C SER A 31 0.26 11.02 -5.70
N SER A 32 -0.73 11.86 -5.99
CA SER A 32 -1.26 11.95 -7.35
C SER A 32 -0.20 12.35 -8.35
N GLU A 33 0.87 13.02 -7.91
CA GLU A 33 1.99 13.30 -8.80
C GLU A 33 2.73 12.02 -9.18
N VAL A 34 2.83 11.07 -8.24
CA VAL A 34 3.51 9.81 -8.55
C VAL A 34 2.74 9.01 -9.58
N LEU A 35 1.41 8.93 -9.42
CA LEU A 35 0.59 8.22 -10.40
C LEU A 35 0.67 8.88 -11.77
N ASP A 36 0.67 10.21 -11.79
CA ASP A 36 0.85 10.92 -13.05
C ASP A 36 2.22 10.62 -13.65
N GLY A 37 3.24 10.49 -12.82
CA GLY A 37 4.53 10.06 -13.32
C GLY A 37 4.48 8.68 -13.94
N PHE A 38 3.78 7.76 -13.28
CA PHE A 38 3.60 6.41 -13.82
C PHE A 38 2.95 6.46 -15.19
N ASP A 39 1.88 7.25 -15.31
CA ASP A 39 1.17 7.35 -16.59
C ASP A 39 2.07 7.97 -17.66
N LYS A 40 2.82 9.01 -17.31
CA LYS A 40 3.63 9.67 -18.32
C LYS A 40 4.81 8.80 -18.73
N VAL A 41 5.31 7.97 -17.81
CA VAL A 41 6.37 7.03 -18.17
C VAL A 41 5.85 5.94 -19.08
N ASP A 42 4.70 5.34 -18.75
CA ASP A 42 4.29 4.22 -19.58
C ASP A 42 3.65 4.66 -20.89
N LYS A 43 3.31 5.94 -21.06
CA LYS A 43 3.06 6.44 -22.41
C LYS A 43 4.29 6.30 -23.29
N SER A 44 5.45 6.74 -22.78
CA SER A 44 6.70 6.55 -23.51
C SER A 44 7.04 5.09 -23.68
N LEU A 45 6.70 4.27 -22.68
CA LEU A 45 6.91 2.83 -22.81
C LEU A 45 6.08 2.25 -23.94
N THR A 46 4.83 2.71 -24.09
CA THR A 46 4.01 2.30 -25.22
C THR A 46 4.62 2.74 -26.54
N SER A 47 5.15 3.97 -26.58
CA SER A 47 5.85 4.41 -27.78
C SER A 47 7.02 3.49 -28.10
N SER A 48 7.77 3.09 -27.08
CA SER A 48 8.92 2.21 -27.30
C SER A 48 8.50 0.83 -27.78
N ILE A 49 7.41 0.27 -27.22
CA ILE A 49 6.99 -1.05 -27.66
C ILE A 49 6.51 -0.99 -29.11
N ASP A 50 5.82 0.10 -29.46
CA ASP A 50 5.41 0.27 -30.86
C ASP A 50 6.63 0.36 -31.78
N GLY A 51 7.65 1.11 -31.37
CA GLY A 51 8.85 1.22 -32.18
C GLY A 51 9.55 -0.12 -32.36
N SER A 52 9.69 -0.88 -31.28
CA SER A 52 10.32 -2.19 -31.37
C SER A 52 9.51 -3.14 -32.25
N ASP A 53 8.18 -3.07 -32.15
CA ASP A 53 7.33 -3.90 -33.00
C ASP A 53 7.55 -3.57 -34.46
N LYS A 54 7.55 -2.28 -34.81
CA LYS A 54 7.81 -1.92 -36.19
C LYS A 54 9.19 -2.39 -36.62
N ARG A 55 10.19 -2.26 -35.75
CA ARG A 55 11.57 -2.61 -36.10
C ARG A 55 11.69 -4.10 -36.41
N ASN A 56 11.17 -4.96 -35.54
CA ASN A 56 11.38 -6.38 -35.78
C ASN A 56 10.46 -6.93 -36.86
N ASN A 57 9.24 -6.40 -36.98
CA ASN A 57 8.42 -6.76 -38.13
C ASN A 57 9.09 -6.33 -39.44
N LEU A 58 9.85 -5.23 -39.39
CA LEU A 58 10.62 -4.83 -40.56
C LEU A 58 11.75 -5.82 -40.85
N VAL A 59 12.51 -6.19 -39.82
CA VAL A 59 13.66 -7.06 -40.04
C VAL A 59 13.23 -8.45 -40.49
N LEU A 60 12.00 -8.86 -40.18
CA LEU A 60 11.50 -10.14 -40.70
C LEU A 60 11.42 -10.15 -42.23
N SER A 61 11.31 -8.98 -42.86
CA SER A 61 11.19 -8.92 -44.31
C SER A 61 12.46 -9.42 -44.99
N GLU A 62 13.63 -9.10 -44.43
CA GLU A 62 14.87 -9.61 -45.01
C GLU A 62 14.94 -11.12 -44.92
N LEU A 63 14.49 -11.71 -43.81
CA LEU A 63 14.40 -13.16 -43.71
C LEU A 63 13.49 -13.70 -44.80
N ASN A 64 12.34 -13.05 -45.02
CA ASN A 64 11.43 -13.49 -46.08
C ASN A 64 12.12 -13.47 -47.44
N THR A 65 12.77 -12.35 -47.77
CA THR A 65 13.40 -12.21 -49.09
C THR A 65 14.51 -13.24 -49.27
N ALA A 66 15.34 -13.44 -48.24
CA ALA A 66 16.39 -14.45 -48.33
C ALA A 66 15.83 -15.85 -48.48
N TYR A 67 14.71 -16.15 -47.82
CA TYR A 67 14.09 -17.47 -47.96
C TYR A 67 13.48 -17.66 -49.34
N ARG A 68 13.03 -16.56 -49.97
CA ARG A 68 12.52 -16.65 -51.34
C ARG A 68 13.58 -17.18 -52.30
N THR A 69 14.81 -16.67 -52.19
CA THR A 69 15.85 -16.98 -53.17
C THR A 69 16.67 -18.21 -52.78
N ASN A 70 17.14 -18.25 -51.54
CA ASN A 70 18.04 -19.30 -51.06
C ASN A 70 17.44 -19.95 -49.83
N PRO A 71 16.45 -20.83 -50.01
CA PRO A 71 15.82 -21.46 -48.83
C PRO A 71 16.70 -22.49 -48.16
N GLU A 72 17.45 -23.27 -48.94
CA GLU A 72 18.27 -24.34 -48.37
C GLU A 72 19.29 -23.81 -47.37
N LYS A 73 19.68 -22.54 -47.49
CA LYS A 73 20.60 -21.94 -46.53
C LYS A 73 19.89 -21.57 -45.23
N VAL A 74 18.56 -21.50 -45.22
CA VAL A 74 17.83 -21.03 -44.05
C VAL A 74 16.73 -22.00 -43.65
N LYS A 75 16.86 -23.27 -44.08
CA LYS A 75 15.95 -24.31 -43.60
C LYS A 75 15.98 -24.43 -42.08
N VAL A 76 17.10 -24.10 -41.44
CA VAL A 76 17.23 -24.20 -39.99
C VAL A 76 17.01 -22.85 -39.31
N TRP A 77 16.74 -21.80 -40.08
CA TRP A 77 16.70 -20.45 -39.55
C TRP A 77 15.33 -19.79 -39.71
N TYR A 78 14.73 -19.89 -40.90
CA TYR A 78 13.47 -19.20 -41.14
C TYR A 78 12.33 -19.78 -40.30
N GLU A 79 12.29 -21.11 -40.19
CA GLU A 79 11.22 -21.73 -39.40
C GLU A 79 11.36 -21.39 -37.92
N ARG A 80 12.60 -21.33 -37.42
CA ARG A 80 12.79 -21.00 -36.02
C ARG A 80 12.48 -19.53 -35.77
N SER A 81 12.76 -18.65 -36.74
CA SER A 81 12.33 -17.27 -36.62
C SER A 81 10.80 -17.19 -36.59
N LEU A 82 10.14 -17.95 -37.44
CA LEU A 82 8.67 -17.93 -37.47
C LEU A 82 8.10 -18.38 -36.13
N VAL A 83 8.59 -19.49 -35.59
CA VAL A 83 8.06 -19.96 -34.31
C VAL A 83 8.36 -18.94 -33.22
N LEU A 84 9.62 -18.49 -33.12
CA LEU A 84 10.01 -17.47 -32.16
C LEU A 84 9.03 -16.31 -32.17
N GLN A 85 8.71 -15.81 -33.36
CA GLN A 85 7.69 -14.77 -33.47
C GLN A 85 6.34 -15.26 -32.95
N LYS A 86 5.99 -16.51 -33.23
CA LYS A 86 4.68 -17.02 -32.86
C LYS A 86 4.48 -17.00 -31.35
N GLU A 87 5.40 -17.62 -30.60
CA GLU A 87 5.25 -17.57 -29.14
C GLU A 87 5.51 -16.18 -28.57
N ALA A 88 6.40 -15.38 -29.15
CA ALA A 88 6.59 -14.03 -28.63
C ALA A 88 5.30 -13.22 -28.76
N ASP A 89 4.65 -13.28 -29.92
CA ASP A 89 3.42 -12.53 -30.13
C ASP A 89 2.28 -13.11 -29.32
N SER A 90 2.25 -14.44 -29.11
CA SER A 90 1.23 -15.02 -28.25
C SER A 90 1.39 -14.54 -26.81
N LEU A 91 2.63 -14.49 -26.32
CA LEU A 91 2.87 -14.00 -24.97
C LEU A 91 2.46 -12.53 -24.85
N CYS A 92 2.80 -11.72 -25.85
CA CYS A 92 2.44 -10.30 -25.78
C CYS A 92 0.92 -10.12 -25.87
N THR A 93 0.25 -10.93 -26.67
CA THR A 93 -1.21 -10.88 -26.73
C THR A 93 -1.82 -11.26 -25.39
N PHE A 94 -1.26 -12.28 -24.74
CA PHE A 94 -1.72 -12.65 -23.40
C PHE A 94 -1.53 -11.49 -22.44
N ILE A 95 -0.38 -10.82 -22.52
CA ILE A 95 -0.12 -9.69 -21.63
C ILE A 95 -1.13 -8.57 -21.88
N ASP A 96 -1.41 -8.28 -23.15
CA ASP A 96 -2.36 -7.21 -23.46
C ASP A 96 -3.76 -7.56 -22.98
N ASP A 97 -4.20 -8.79 -23.21
CA ASP A 97 -5.51 -9.21 -22.72
C ASP A 97 -5.57 -9.15 -21.21
N LEU A 98 -4.48 -9.52 -20.54
CA LEU A 98 -4.43 -9.48 -19.08
C LEU A 98 -4.46 -8.05 -18.57
N LYS A 99 -3.79 -7.14 -19.27
CA LYS A 99 -3.84 -5.73 -18.92
C LYS A 99 -5.25 -5.19 -19.07
N LEU A 100 -5.93 -5.56 -20.15
CA LEU A 100 -7.32 -5.15 -20.33
C LEU A 100 -8.19 -5.72 -19.23
N ALA A 101 -7.91 -6.96 -18.80
CA ALA A 101 -8.66 -7.56 -17.69
C ALA A 101 -8.45 -6.78 -16.41
N ILE A 102 -7.22 -6.37 -16.13
CA ILE A 102 -6.94 -5.59 -14.92
C ILE A 102 -7.68 -4.25 -14.99
N ALA A 103 -7.62 -3.59 -16.15
CA ALA A 103 -8.30 -2.32 -16.29
C ALA A 103 -9.80 -2.46 -16.10
N ARG A 104 -10.39 -3.51 -16.68
CA ARG A 104 -11.82 -3.75 -16.52
C ARG A 104 -12.18 -4.03 -15.07
N GLU A 105 -11.35 -4.80 -14.37
CA GLU A 105 -11.57 -5.03 -12.95
C GLU A 105 -11.47 -3.73 -12.17
N SER A 106 -10.49 -2.89 -12.53
CA SER A 106 -10.22 -1.67 -11.76
C SER A 106 -11.43 -0.74 -11.72
N ASP A 107 -11.84 -0.25 -12.89
CA ASP A 107 -12.93 0.73 -12.95
C ASP A 107 -14.29 0.05 -13.16
N GLY A 108 -14.44 -0.68 -14.26
CA GLY A 108 -15.70 -1.34 -14.53
C GLY A 108 -15.64 -2.10 -15.84
N LYS A 109 -16.74 -2.76 -16.16
CA LYS A 109 -16.83 -3.57 -17.36
C LYS A 109 -16.70 -2.74 -18.63
N ASP A 110 -17.06 -1.46 -18.58
CA ASP A 110 -16.96 -0.58 -19.74
C ASP A 110 -15.63 0.15 -19.84
N ALA A 111 -14.76 0.01 -18.84
CA ALA A 111 -13.52 0.77 -18.81
C ALA A 111 -12.55 0.30 -19.89
N LYS A 112 -11.80 1.24 -20.45
CA LYS A 112 -10.74 0.92 -21.40
C LYS A 112 -9.39 1.08 -20.71
N VAL A 113 -8.30 0.65 -21.33
CA VAL A 113 -7.01 0.55 -20.67
C VAL A 113 -6.03 1.61 -21.14
N ASN A 114 -6.11 1.99 -22.42
CA ASN A 114 -5.05 2.77 -23.05
C ASN A 114 -4.80 4.08 -22.30
N ASP A 115 -5.84 4.87 -22.10
CA ASP A 115 -5.71 6.10 -21.31
C ASP A 115 -6.92 6.25 -20.39
N ILE A 116 -7.97 5.47 -20.65
CA ILE A 116 -9.24 5.66 -19.96
C ILE A 116 -9.26 4.98 -18.61
N ARG A 117 -8.12 4.46 -18.14
CA ARG A 117 -8.07 3.89 -16.81
C ARG A 117 -8.14 5.01 -15.77
N ARG A 118 -9.36 5.34 -15.35
CA ARG A 118 -9.60 6.48 -14.45
C ARG A 118 -9.64 6.01 -12.99
N LYS A 119 -8.56 5.36 -12.56
CA LYS A 119 -8.54 4.81 -11.21
C LYS A 119 -7.08 4.48 -10.85
N ASP A 120 -6.85 4.24 -9.56
CA ASP A 120 -5.53 3.86 -9.07
C ASP A 120 -5.61 2.81 -7.96
N ASN A 121 -6.66 1.99 -7.96
CA ASN A 121 -6.89 1.07 -6.85
C ASN A 121 -5.69 0.16 -6.63
N LEU A 122 -5.41 -0.11 -5.35
CA LEU A 122 -4.39 -1.08 -4.99
C LEU A 122 -4.92 -2.50 -5.14
N ASP A 123 -6.10 -2.76 -4.57
CA ASP A 123 -6.71 -4.08 -4.65
C ASP A 123 -7.47 -4.28 -5.95
N ALA A 124 -6.82 -3.98 -7.07
CA ALA A 124 -7.38 -4.27 -8.38
C ALA A 124 -6.35 -4.87 -9.33
N SER A 125 -5.12 -5.06 -8.88
CA SER A 125 -4.12 -5.83 -9.60
C SER A 125 -3.76 -7.13 -8.91
N SER A 126 -3.76 -7.13 -7.58
CA SER A 126 -3.57 -8.38 -6.84
C SER A 126 -4.72 -9.33 -7.11
N VAL A 127 -5.94 -8.81 -7.16
CA VAL A 127 -7.12 -9.65 -7.38
C VAL A 127 -7.01 -10.42 -8.68
N VAL A 128 -6.47 -9.80 -9.72
CA VAL A 128 -6.30 -10.51 -10.99
C VAL A 128 -5.00 -11.31 -11.02
N MET A 129 -3.97 -10.89 -10.28
CA MET A 129 -2.72 -11.63 -10.26
C MET A 129 -2.66 -12.64 -9.13
N LEU A 130 -2.75 -12.16 -7.89
CA LEU A 130 -2.62 -13.05 -6.72
C LEU A 130 -3.97 -13.63 -6.32
N ASN A 131 -4.64 -14.23 -7.30
CA ASN A 131 -5.93 -14.86 -7.06
C ASN A 131 -5.72 -16.32 -6.72
N PRO A 132 -6.14 -16.79 -5.54
CA PRO A 132 -5.89 -18.19 -5.18
C PRO A 132 -6.62 -19.19 -6.06
N ILE A 133 -7.70 -18.78 -6.75
CA ILE A 133 -8.50 -19.73 -7.52
C ILE A 133 -8.05 -19.78 -8.97
N ASN A 134 -8.01 -18.64 -9.66
CA ASN A 134 -7.63 -18.59 -11.06
C ASN A 134 -6.72 -17.40 -11.34
N GLY A 135 -5.76 -17.16 -10.46
CA GLY A 135 -4.80 -16.10 -10.68
C GLY A 135 -3.95 -16.31 -11.91
N LYS A 136 -3.97 -15.34 -12.83
CA LYS A 136 -3.18 -15.47 -14.04
C LYS A 136 -1.69 -15.28 -13.80
N GLY A 137 -1.29 -14.85 -12.59
CA GLY A 137 0.11 -14.58 -12.33
C GLY A 137 0.97 -15.82 -12.48
N SER A 138 0.52 -16.95 -11.92
CA SER A 138 1.27 -18.18 -12.06
C SER A 138 1.35 -18.62 -13.52
N THR A 139 0.25 -18.50 -14.25
CA THR A 139 0.27 -18.79 -15.68
C THR A 139 1.24 -17.86 -16.39
N LEU A 140 1.21 -16.57 -16.05
CA LEU A 140 2.15 -15.63 -16.63
C LEU A 140 3.59 -16.00 -16.25
N ARG A 141 3.81 -16.38 -15.00
CA ARG A 141 5.16 -16.75 -14.57
C ARG A 141 5.68 -17.92 -15.41
N LYS A 142 4.86 -18.98 -15.55
CA LYS A 142 5.29 -20.15 -16.28
C LYS A 142 5.46 -19.84 -17.77
N GLU A 143 4.60 -19.02 -18.36
CA GLU A 143 4.72 -18.74 -19.78
C GLU A 143 5.94 -17.87 -20.08
N VAL A 144 6.20 -16.86 -19.24
CA VAL A 144 7.40 -16.07 -19.44
C VAL A 144 8.65 -16.91 -19.19
N ASP A 145 8.59 -17.86 -18.25
CA ASP A 145 9.68 -18.82 -18.08
C ASP A 145 9.88 -19.67 -19.33
N LYS A 146 8.80 -20.14 -19.94
CA LYS A 146 8.86 -20.89 -21.19
C LYS A 146 9.48 -20.09 -22.32
N PHE A 147 9.08 -18.83 -22.46
CA PHE A 147 9.70 -17.95 -23.45
C PHE A 147 11.17 -17.74 -23.14
N ARG A 148 11.50 -17.57 -21.86
CA ARG A 148 12.89 -17.57 -21.43
C ARG A 148 13.50 -18.93 -21.69
N GLU A 149 14.81 -18.95 -21.93
CA GLU A 149 15.67 -20.09 -22.25
C GLU A 149 15.24 -20.73 -23.56
N LEU A 150 14.11 -20.29 -24.11
CA LEU A 150 13.77 -20.63 -25.48
C LEU A 150 14.60 -19.80 -26.44
N VAL A 151 14.85 -18.54 -26.08
CA VAL A 151 15.83 -17.74 -26.79
C VAL A 151 17.23 -18.31 -26.61
N ALA A 152 17.51 -18.86 -25.42
CA ALA A 152 18.81 -19.49 -25.18
C ALA A 152 19.00 -20.70 -26.07
N THR A 153 17.96 -21.52 -26.21
CA THR A 153 18.01 -22.67 -27.10
C THR A 153 17.90 -22.29 -28.58
N LEU A 154 17.93 -21.00 -28.91
CA LEU A 154 17.80 -20.57 -30.29
C LEU A 154 19.08 -19.98 -30.86
N MET A 155 20.02 -19.53 -30.02
CA MET A 155 21.30 -19.07 -30.51
C MET A 155 22.32 -19.31 -29.40
N THR A 156 23.59 -19.42 -29.80
CA THR A 156 24.65 -19.84 -28.88
C THR A 156 24.92 -18.71 -27.89
N ASP A 157 24.16 -18.69 -26.81
CA ASP A 157 24.21 -17.60 -25.85
C ASP A 157 25.58 -17.48 -25.19
N LYS A 158 26.02 -16.25 -25.00
CA LYS A 158 27.30 -15.95 -24.36
C LYS A 158 27.13 -14.73 -23.46
N ALA A 159 28.14 -14.49 -22.62
CA ALA A 159 28.10 -13.33 -21.75
C ALA A 159 28.16 -12.03 -22.55
N LYS A 160 29.12 -11.92 -23.47
CA LYS A 160 29.15 -10.79 -24.38
C LYS A 160 27.92 -10.80 -25.28
N LEU A 161 27.43 -11.98 -25.63
CA LEU A 161 26.19 -12.13 -26.38
C LEU A 161 24.99 -11.96 -25.46
N LYS A 162 23.82 -12.41 -25.90
CA LYS A 162 22.57 -12.12 -25.22
C LYS A 162 22.46 -12.85 -23.88
N LEU A 163 23.33 -12.51 -22.92
CA LEU A 163 23.13 -12.95 -21.55
C LEU A 163 22.33 -11.94 -20.76
N ILE A 164 22.40 -10.66 -21.13
CA ILE A 164 21.61 -9.64 -20.46
C ILE A 164 20.12 -9.86 -20.72
N GLU A 165 19.79 -10.53 -21.82
CA GLU A 165 18.39 -10.79 -22.17
C GLU A 165 17.68 -11.55 -21.05
N GLN A 166 18.10 -12.79 -20.82
CA GLN A 166 17.55 -13.55 -19.71
C GLN A 166 17.90 -12.92 -18.36
N ALA A 167 18.89 -12.03 -18.33
CA ALA A 167 19.13 -11.22 -17.15
C ALA A 167 18.19 -10.02 -17.06
N LEU A 168 17.35 -9.81 -18.07
CA LEU A 168 16.40 -8.70 -18.07
C LEU A 168 15.00 -9.15 -17.66
N ASN A 169 14.43 -10.12 -18.36
CA ASN A 169 13.11 -10.65 -18.00
C ASN A 169 13.26 -11.87 -17.08
N THR A 170 13.82 -11.62 -15.90
CA THR A 170 14.16 -12.68 -14.96
C THR A 170 12.91 -13.12 -14.21
N GLU A 171 13.11 -13.98 -13.21
CA GLU A 171 12.07 -14.32 -12.24
C GLU A 171 12.53 -14.11 -10.81
N SER A 172 13.77 -13.67 -10.61
CA SER A 172 14.30 -13.51 -9.26
C SER A 172 13.68 -12.31 -8.57
N GLY A 173 13.33 -12.47 -7.30
CA GLY A 173 12.81 -11.39 -6.49
C GLY A 173 13.46 -11.41 -5.11
N THR A 174 12.87 -10.62 -4.22
CA THR A 174 13.29 -10.63 -2.82
C THR A 174 13.10 -12.03 -2.26
N LYS A 175 14.09 -12.48 -1.46
CA LYS A 175 14.14 -13.85 -0.98
C LYS A 175 12.81 -14.28 -0.38
N GLY A 176 12.20 -15.30 -0.98
CA GLY A 176 10.95 -15.84 -0.50
C GLY A 176 9.83 -15.86 -1.52
N LYS A 177 9.70 -14.80 -2.32
CA LYS A 177 8.60 -14.68 -3.27
C LYS A 177 9.11 -14.20 -4.61
N SER A 178 8.58 -14.81 -5.67
CA SER A 178 8.88 -14.40 -7.04
C SER A 178 8.03 -13.20 -7.40
N TRP A 179 8.12 -12.74 -8.65
CA TRP A 179 7.43 -11.51 -9.04
C TRP A 179 5.98 -11.73 -9.43
N GLU A 180 5.41 -12.88 -9.09
CA GLU A 180 3.95 -12.95 -9.07
C GLU A 180 3.37 -12.03 -7.99
N SER A 181 4.13 -11.79 -6.92
CA SER A 181 3.73 -10.86 -5.88
C SER A 181 4.70 -9.70 -5.70
N SER A 182 5.89 -9.77 -6.27
CA SER A 182 6.83 -8.67 -6.19
C SER A 182 6.56 -7.60 -7.25
N LEU A 183 5.58 -7.82 -8.12
CA LEU A 183 5.20 -6.83 -9.11
C LEU A 183 3.72 -6.51 -9.12
N PHE A 184 2.89 -7.22 -8.35
CA PHE A 184 1.46 -6.96 -8.42
C PHE A 184 0.73 -7.07 -7.08
N GLU A 185 1.43 -6.97 -5.95
CA GLU A 185 0.77 -7.02 -4.65
C GLU A 185 0.63 -5.61 -4.10
N ASN A 186 -0.62 -5.19 -3.88
CA ASN A 186 -0.92 -3.91 -3.24
C ASN A 186 -0.23 -2.74 -3.93
N MET A 187 -0.08 -2.82 -5.24
CA MET A 187 0.38 -1.61 -5.91
C MET A 187 -0.79 -0.92 -6.59
N PRO A 188 -0.70 0.40 -6.80
CA PRO A 188 -1.79 1.10 -7.47
C PRO A 188 -2.00 0.56 -8.87
N THR A 189 -3.26 0.61 -9.31
CA THR A 189 -3.63 0.00 -10.58
C THR A 189 -2.73 0.47 -11.72
N VAL A 190 -2.48 1.78 -11.79
CA VAL A 190 -1.69 2.34 -12.88
C VAL A 190 -0.28 1.74 -12.88
N ALA A 191 0.26 1.45 -11.69
CA ALA A 191 1.56 0.80 -11.63
C ALA A 191 1.51 -0.58 -12.27
N ALA A 192 0.39 -1.29 -12.11
CA ALA A 192 0.28 -2.63 -12.69
C ALA A 192 0.30 -2.58 -14.21
N ILE A 193 -0.49 -1.70 -14.81
CA ILE A 193 -0.45 -1.55 -16.27
C ILE A 193 0.92 -1.06 -16.73
N THR A 194 1.56 -0.17 -15.96
CA THR A 194 2.88 0.29 -16.33
C THR A 194 3.87 -0.86 -16.36
N LEU A 195 3.83 -1.72 -15.35
CA LEU A 195 4.80 -2.82 -15.30
C LEU A 195 4.49 -3.89 -16.35
N LEU A 196 3.21 -4.14 -16.62
CA LEU A 196 2.90 -5.03 -17.73
C LEU A 196 3.36 -4.46 -19.05
N THR A 197 3.29 -3.14 -19.21
CA THR A 197 3.86 -2.51 -20.39
C THR A 197 5.37 -2.69 -20.42
N LYS A 198 6.00 -2.68 -19.25
CA LYS A 198 7.43 -2.99 -19.19
C LYS A 198 7.71 -4.42 -19.65
N LEU A 199 6.85 -5.36 -19.25
CA LEU A 199 6.99 -6.73 -19.72
C LEU A 199 6.87 -6.83 -21.23
N GLN A 200 5.88 -6.15 -21.80
CA GLN A 200 5.78 -6.12 -23.25
C GLN A 200 7.02 -5.49 -23.87
N SER A 201 7.54 -4.44 -23.24
CA SER A 201 8.72 -3.75 -23.76
C SER A 201 9.92 -4.68 -23.80
N ASP A 202 10.19 -5.38 -22.71
CA ASP A 202 11.40 -6.17 -22.68
C ASP A 202 11.24 -7.50 -23.40
N VAL A 203 10.02 -8.02 -23.57
CA VAL A 203 9.88 -9.16 -24.47
C VAL A 203 10.07 -8.72 -25.92
N ARG A 204 9.61 -7.52 -26.29
CA ARG A 204 9.95 -6.99 -27.60
C ARG A 204 11.45 -6.78 -27.76
N TYR A 205 12.12 -6.27 -26.73
CA TYR A 205 13.57 -6.07 -26.84
C TYR A 205 14.28 -7.41 -26.98
N ALA A 206 13.84 -8.41 -26.21
CA ALA A 206 14.40 -9.75 -26.33
C ALA A 206 14.18 -10.30 -27.73
N GLN A 207 12.97 -10.13 -28.27
CA GLN A 207 12.68 -10.62 -29.61
C GLN A 207 13.53 -9.91 -30.66
N GLY A 208 13.69 -8.59 -30.53
CA GLY A 208 14.51 -7.87 -31.48
C GLY A 208 15.95 -8.33 -31.44
N GLU A 209 16.49 -8.51 -30.22
CA GLU A 209 17.87 -8.95 -30.08
C GLU A 209 18.06 -10.35 -30.65
N VAL A 210 17.11 -11.26 -30.41
CA VAL A 210 17.30 -12.61 -30.89
C VAL A 210 17.13 -12.70 -32.40
N LEU A 211 16.17 -11.99 -33.00
CA LEU A 211 16.15 -11.95 -34.46
C LEU A 211 17.41 -11.32 -35.02
N ALA A 212 17.96 -10.32 -34.32
CA ALA A 212 19.22 -9.72 -34.77
C ALA A 212 20.34 -10.76 -34.76
N ASP A 213 20.44 -11.55 -33.69
CA ASP A 213 21.56 -12.48 -33.63
C ASP A 213 21.37 -13.68 -34.54
N LEU A 214 20.12 -14.14 -34.74
CA LEU A 214 19.89 -15.19 -35.73
C LEU A 214 20.20 -14.70 -37.14
N VAL A 215 19.81 -13.46 -37.48
CA VAL A 215 20.13 -12.99 -38.82
C VAL A 215 21.63 -12.75 -38.97
N LYS A 216 22.30 -12.36 -37.88
CA LYS A 216 23.76 -12.24 -37.92
C LYS A 216 24.41 -13.60 -38.17
N SER A 217 23.94 -14.64 -37.48
CA SER A 217 24.46 -15.98 -37.69
C SER A 217 24.16 -16.48 -39.09
N VAL A 218 22.98 -16.12 -39.64
CA VAL A 218 22.66 -16.43 -41.02
C VAL A 218 23.67 -15.79 -41.95
N ASP A 219 23.98 -14.52 -41.72
CA ASP A 219 24.96 -13.82 -42.54
C ASP A 219 26.34 -14.45 -42.41
N VAL A 220 26.70 -14.93 -41.22
CA VAL A 220 28.01 -15.56 -41.03
C VAL A 220 28.16 -16.74 -41.97
N GLY A 221 27.16 -17.62 -42.01
CA GLY A 221 27.19 -18.72 -42.97
C GLY A 221 27.05 -18.25 -44.40
N ASP A 222 26.19 -17.25 -44.63
CA ASP A 222 25.96 -16.75 -45.98
C ASP A 222 27.19 -16.03 -46.54
N TYR A 223 27.93 -15.32 -45.70
CA TYR A 223 29.11 -14.59 -46.16
C TYR A 223 30.20 -15.54 -46.64
N GLY B 4 -12.67 7.75 29.16
CA GLY B 4 -13.68 6.93 28.53
C GLY B 4 -13.66 7.00 27.01
N SER B 5 -14.85 7.00 26.41
CA SER B 5 -15.01 7.04 24.95
C SER B 5 -14.29 5.90 24.26
N ASN B 6 -14.26 4.72 24.90
CA ASN B 6 -13.59 3.57 24.32
C ASN B 6 -14.45 2.30 24.39
N GLY B 7 -15.30 2.20 25.40
CA GLY B 7 -15.94 0.94 25.71
C GLY B 7 -17.01 0.55 24.71
N ASN B 8 -17.28 -0.75 24.68
CA ASN B 8 -18.33 -1.34 23.85
C ASN B 8 -18.86 -2.57 24.59
N ALA B 9 -19.56 -3.45 23.88
CA ALA B 9 -20.15 -4.63 24.48
C ALA B 9 -19.50 -5.92 23.97
N ASN B 10 -19.57 -6.17 22.67
CA ASN B 10 -18.96 -7.35 22.07
C ASN B 10 -18.10 -7.02 20.86
N ARG B 11 -18.21 -5.80 20.32
CA ARG B 11 -17.29 -5.33 19.30
C ARG B 11 -15.87 -5.25 19.82
N GLN B 12 -15.70 -5.27 21.16
CA GLN B 12 -14.37 -5.15 21.73
C GLN B 12 -13.46 -6.30 21.31
N LYS B 13 -13.98 -7.52 21.26
CA LYS B 13 -13.19 -8.64 20.76
C LYS B 13 -12.83 -8.42 19.30
N MET B 14 -13.78 -7.94 18.51
CA MET B 14 -13.49 -7.44 17.17
C MET B 14 -12.39 -6.39 17.20
N ILE B 15 -12.48 -5.44 18.12
CA ILE B 15 -11.41 -4.44 18.24
C ILE B 15 -10.10 -5.14 18.59
N ASN B 16 -10.17 -6.13 19.49
CA ASN B 16 -8.98 -6.80 19.99
C ASN B 16 -8.19 -7.46 18.88
N LEU B 17 -8.85 -8.23 18.02
CA LEU B 17 -8.10 -9.04 17.07
C LEU B 17 -7.81 -8.31 15.77
N MET B 18 -8.44 -7.16 15.52
CA MET B 18 -8.38 -6.56 14.19
C MET B 18 -7.39 -5.41 14.07
N TYR B 19 -7.12 -4.68 15.15
CA TYR B 19 -6.09 -3.65 15.08
C TYR B 19 -4.76 -4.24 14.65
N LEU B 20 -4.52 -5.50 14.97
CA LEU B 20 -3.32 -6.18 14.51
C LEU B 20 -3.42 -6.58 13.04
N VAL B 21 -4.59 -7.07 12.61
CA VAL B 21 -4.73 -7.49 11.22
C VAL B 21 -4.67 -6.28 10.29
N PHE B 22 -5.30 -5.17 10.68
CA PHE B 22 -5.20 -3.96 9.87
C PHE B 22 -3.80 -3.40 9.87
N ILE B 23 -3.06 -3.55 10.98
CA ILE B 23 -1.67 -3.14 11.00
C ILE B 23 -0.86 -3.98 10.02
N ALA B 24 -1.12 -5.29 9.98
CA ALA B 24 -0.44 -6.15 9.01
C ALA B 24 -0.82 -5.78 7.59
N MET B 25 -2.08 -5.44 7.37
CA MET B 25 -2.53 -5.02 6.04
C MET B 25 -1.82 -3.74 5.61
N MET B 26 -1.66 -2.80 6.54
CA MET B 26 -0.93 -1.58 6.26
C MET B 26 0.54 -1.88 5.98
N ALA B 27 1.13 -2.81 6.72
CA ALA B 27 2.52 -3.18 6.49
C ALA B 27 2.70 -3.79 5.10
N LEU B 28 1.75 -4.63 4.68
CA LEU B 28 1.77 -5.14 3.31
C LEU B 28 1.60 -4.01 2.32
N ASN B 29 0.72 -3.06 2.62
CA ASN B 29 0.50 -1.92 1.73
C ASN B 29 1.76 -1.09 1.58
N VAL B 30 2.43 -0.78 2.69
CA VAL B 30 3.61 0.06 2.64
C VAL B 30 4.77 -0.68 2.00
N SER B 31 4.93 -1.96 2.31
CA SER B 31 6.05 -2.73 1.77
C SER B 31 5.95 -2.98 0.29
N SER B 32 4.93 -2.46 -0.39
CA SER B 32 4.84 -2.63 -1.83
C SER B 32 5.99 -1.92 -2.52
N GLU B 33 6.29 -2.36 -3.74
CA GLU B 33 7.40 -1.83 -4.52
C GLU B 33 6.98 -0.71 -5.45
N VAL B 34 5.94 0.06 -5.08
CA VAL B 34 5.45 1.11 -5.97
C VAL B 34 6.54 2.17 -6.21
N LEU B 35 7.23 2.60 -5.15
CA LEU B 35 8.33 3.54 -5.33
C LEU B 35 9.52 2.85 -5.96
N ASP B 36 9.81 1.62 -5.53
CA ASP B 36 10.89 0.84 -6.12
C ASP B 36 10.57 0.53 -7.59
N GLY B 37 9.29 0.43 -7.93
CA GLY B 37 8.88 0.09 -9.28
C GLY B 37 9.39 1.05 -10.33
N PHE B 38 9.86 2.22 -9.90
CA PHE B 38 10.54 3.11 -10.82
C PHE B 38 11.92 2.60 -11.21
N ASP B 39 12.54 1.77 -10.37
CA ASP B 39 13.85 1.23 -10.70
C ASP B 39 13.77 0.33 -11.94
N LYS B 40 12.77 -0.54 -12.00
CA LYS B 40 12.67 -1.47 -13.11
C LYS B 40 12.37 -0.77 -14.42
N VAL B 41 11.45 0.20 -14.39
CA VAL B 41 11.20 0.99 -15.59
C VAL B 41 12.45 1.79 -15.94
N ASP B 42 13.23 2.18 -14.94
CA ASP B 42 14.50 2.86 -15.21
C ASP B 42 15.43 1.95 -16.00
N LYS B 43 15.57 0.69 -15.58
CA LYS B 43 16.45 -0.23 -16.28
C LYS B 43 15.97 -0.47 -17.71
N SER B 44 14.67 -0.71 -17.88
CA SER B 44 14.15 -0.97 -19.22
C SER B 44 14.33 0.25 -20.11
N LEU B 45 14.05 1.45 -19.58
CA LEU B 45 14.23 2.66 -20.35
C LEU B 45 15.69 2.87 -20.71
N THR B 46 16.60 2.57 -19.79
CA THR B 46 18.02 2.72 -20.08
C THR B 46 18.47 1.79 -21.20
N SER B 47 17.99 0.55 -21.17
CA SER B 47 18.29 -0.38 -22.25
C SER B 47 17.74 0.14 -23.57
N SER B 48 16.52 0.69 -23.55
CA SER B 48 15.99 1.30 -24.76
C SER B 48 16.84 2.49 -25.21
N ILE B 49 17.35 3.27 -24.25
CA ILE B 49 18.14 4.45 -24.61
C ILE B 49 19.41 4.05 -25.34
N ASP B 50 20.19 3.13 -24.76
CA ASP B 50 21.44 2.82 -25.44
C ASP B 50 21.22 1.97 -26.69
N GLY B 51 20.14 1.19 -26.76
CA GLY B 51 19.81 0.55 -28.02
C GLY B 51 19.48 1.56 -29.10
N SER B 52 18.64 2.54 -28.77
CA SER B 52 18.30 3.58 -29.72
C SER B 52 19.52 4.39 -30.12
N ASP B 53 20.41 4.65 -29.15
CA ASP B 53 21.66 5.36 -29.44
C ASP B 53 22.48 4.57 -30.45
N LYS B 54 22.62 3.26 -30.23
CA LYS B 54 23.36 2.44 -31.18
C LYS B 54 22.72 2.51 -32.57
N ARG B 55 21.40 2.39 -32.63
CA ARG B 55 20.72 2.38 -33.92
C ARG B 55 20.90 3.71 -34.65
N ASN B 56 20.65 4.82 -33.97
CA ASN B 56 20.68 6.10 -34.66
C ASN B 56 22.10 6.56 -34.97
N ASN B 57 23.08 6.23 -34.13
CA ASN B 57 24.45 6.54 -34.52
C ASN B 57 24.92 5.63 -35.65
N LEU B 58 24.39 4.41 -35.74
CA LEU B 58 24.66 3.59 -36.91
C LEU B 58 24.09 4.22 -38.17
N VAL B 59 22.86 4.75 -38.09
CA VAL B 59 22.27 5.43 -39.22
C VAL B 59 23.10 6.64 -39.62
N LEU B 60 23.56 7.40 -38.63
CA LEU B 60 24.39 8.58 -38.92
C LEU B 60 25.74 8.16 -39.51
N SER B 61 26.28 7.03 -39.05
CA SER B 61 27.53 6.53 -39.62
C SER B 61 27.34 6.16 -41.08
N GLU B 62 26.21 5.51 -41.42
CA GLU B 62 25.92 5.22 -42.81
C GLU B 62 25.77 6.52 -43.60
N LEU B 63 25.11 7.52 -43.02
CA LEU B 63 24.89 8.78 -43.71
C LEU B 63 26.21 9.46 -44.04
N ASN B 64 27.12 9.53 -43.08
CA ASN B 64 28.40 10.18 -43.35
C ASN B 64 29.31 9.32 -44.21
N THR B 65 29.12 7.99 -44.21
CA THR B 65 29.83 7.14 -45.15
C THR B 65 29.40 7.44 -46.57
N ALA B 66 28.09 7.65 -46.79
CA ALA B 66 27.60 8.00 -48.12
C ALA B 66 28.14 9.35 -48.56
N TYR B 67 28.26 10.30 -47.63
CA TYR B 67 28.78 11.63 -47.97
C TYR B 67 30.23 11.57 -48.43
N ARG B 68 31.04 10.68 -47.84
CA ARG B 68 32.48 10.71 -48.10
C ARG B 68 32.79 10.46 -49.57
N THR B 69 32.02 9.60 -50.23
CA THR B 69 32.29 9.31 -51.63
C THR B 69 31.79 10.43 -52.53
N ASN B 70 30.49 10.71 -52.51
CA ASN B 70 29.88 11.72 -53.37
C ASN B 70 29.15 12.81 -52.58
N PRO B 71 29.75 13.98 -52.40
CA PRO B 71 29.12 15.06 -51.63
C PRO B 71 28.28 16.03 -52.45
N GLU B 72 28.19 15.86 -53.77
CA GLU B 72 27.44 16.80 -54.59
C GLU B 72 25.94 16.67 -54.38
N LYS B 73 25.46 15.45 -54.11
CA LYS B 73 24.02 15.27 -53.92
C LYS B 73 23.55 15.83 -52.58
N VAL B 74 24.30 15.56 -51.51
CA VAL B 74 23.91 15.95 -50.17
C VAL B 74 25.06 16.72 -49.51
N LYS B 75 24.83 17.99 -49.22
CA LYS B 75 25.68 18.78 -48.33
C LYS B 75 24.91 19.40 -47.19
N VAL B 76 23.78 20.06 -47.49
CA VAL B 76 23.02 20.75 -46.45
C VAL B 76 22.40 19.75 -45.48
N TRP B 77 21.87 18.65 -45.99
CA TRP B 77 21.31 17.63 -45.11
C TRP B 77 22.38 16.99 -44.25
N TYR B 78 23.58 16.79 -44.82
CA TYR B 78 24.70 16.28 -44.04
C TYR B 78 25.04 17.21 -42.88
N GLU B 79 25.25 18.50 -43.18
CA GLU B 79 25.61 19.45 -42.13
C GLU B 79 24.51 19.57 -41.11
N ARG B 80 23.25 19.57 -41.57
CA ARG B 80 22.09 19.62 -40.69
C ARG B 80 22.03 18.41 -39.77
N SER B 81 22.29 17.21 -40.30
CA SER B 81 22.28 16.01 -39.47
C SER B 81 23.41 16.03 -38.46
N LEU B 82 24.59 16.52 -38.84
CA LEU B 82 25.68 16.62 -37.89
C LEU B 82 25.35 17.63 -36.78
N VAL B 83 24.71 18.74 -37.14
CA VAL B 83 24.26 19.68 -36.12
C VAL B 83 23.21 19.04 -35.22
N LEU B 84 22.33 18.22 -35.79
CA LEU B 84 21.36 17.47 -34.99
C LEU B 84 22.07 16.58 -33.98
N GLN B 85 23.08 15.86 -34.43
CA GLN B 85 23.84 15.01 -33.52
C GLN B 85 24.49 15.84 -32.42
N LYS B 86 25.13 16.94 -32.80
CA LYS B 86 25.81 17.79 -31.81
C LYS B 86 24.83 18.30 -30.76
N GLU B 87 23.70 18.81 -31.21
CA GLU B 87 22.73 19.42 -30.29
C GLU B 87 22.04 18.38 -29.43
N ALA B 88 21.65 17.25 -30.02
CA ALA B 88 21.01 16.19 -29.24
C ALA B 88 21.97 15.59 -28.23
N ASP B 89 23.23 15.39 -28.62
CA ASP B 89 24.22 14.91 -27.68
C ASP B 89 24.47 15.91 -26.58
N SER B 90 24.50 17.21 -26.92
CA SER B 90 24.65 18.24 -25.90
C SER B 90 23.51 18.16 -24.90
N LEU B 91 22.26 18.07 -25.38
CA LEU B 91 21.12 18.01 -24.48
C LEU B 91 21.17 16.77 -23.59
N CYS B 92 21.37 15.60 -24.20
CA CYS B 92 21.32 14.37 -23.41
C CYS B 92 22.47 14.31 -22.42
N THR B 93 23.66 14.78 -22.82
CA THR B 93 24.79 14.81 -21.90
C THR B 93 24.55 15.82 -20.79
N PHE B 94 23.91 16.95 -21.09
CA PHE B 94 23.56 17.89 -20.04
C PHE B 94 22.63 17.25 -19.02
N ILE B 95 21.61 16.53 -19.49
CA ILE B 95 20.70 15.87 -18.57
C ILE B 95 21.39 14.75 -17.80
N ASP B 96 22.31 14.04 -18.45
CA ASP B 96 23.08 12.99 -17.78
C ASP B 96 23.97 13.56 -16.68
N ASP B 97 24.67 14.66 -16.95
CA ASP B 97 25.43 15.34 -15.91
C ASP B 97 24.51 15.88 -14.82
N LEU B 98 23.36 16.40 -15.20
CA LEU B 98 22.28 16.69 -14.26
C LEU B 98 21.74 15.36 -13.72
N LYS B 99 20.84 15.47 -12.74
CA LYS B 99 20.28 14.34 -12.00
C LYS B 99 21.33 13.60 -11.17
N LEU B 100 22.58 14.05 -11.25
CA LEU B 100 23.58 13.78 -10.20
C LEU B 100 23.36 14.66 -8.99
N ALA B 101 22.94 15.92 -9.20
CA ALA B 101 22.69 16.82 -8.09
C ALA B 101 21.55 16.32 -7.22
N ILE B 102 20.48 15.81 -7.82
CA ILE B 102 19.38 15.26 -7.04
C ILE B 102 19.85 14.04 -6.24
N ALA B 103 20.81 13.30 -6.78
CA ALA B 103 21.38 12.16 -6.07
C ALA B 103 22.40 12.59 -5.02
N ARG B 104 22.88 13.84 -5.06
CA ARG B 104 23.95 14.26 -4.16
C ARG B 104 23.52 14.18 -2.71
N GLU B 105 22.38 14.77 -2.37
CA GLU B 105 21.87 14.67 -1.00
C GLU B 105 20.89 13.52 -0.83
N SER B 106 20.69 12.70 -1.87
CA SER B 106 19.83 11.54 -1.73
C SER B 106 20.33 10.61 -0.63
N ASP B 107 21.60 10.23 -0.71
CA ASP B 107 22.25 9.54 0.41
C ASP B 107 23.66 10.04 0.72
N GLY B 108 24.35 10.67 -0.22
CA GLY B 108 25.70 11.15 0.03
C GLY B 108 26.35 11.56 -1.27
N LYS B 109 27.54 12.15 -1.13
CA LYS B 109 28.27 12.65 -2.28
C LYS B 109 28.84 11.54 -3.15
N ASP B 110 28.81 10.29 -2.69
CA ASP B 110 29.28 9.15 -3.45
C ASP B 110 28.13 8.33 -4.02
N ALA B 111 27.00 8.98 -4.31
CA ALA B 111 25.82 8.28 -4.78
C ALA B 111 25.99 7.81 -6.22
N LYS B 112 25.12 6.88 -6.61
CA LYS B 112 25.06 6.38 -7.97
C LYS B 112 23.68 6.62 -8.55
N VAL B 113 23.62 6.92 -9.85
CA VAL B 113 22.36 7.21 -10.52
C VAL B 113 21.89 5.95 -11.25
N ASN B 114 22.41 4.80 -10.85
CA ASN B 114 22.04 3.52 -11.45
C ASN B 114 20.99 2.77 -10.65
N ASP B 115 21.28 2.44 -9.38
CA ASP B 115 20.29 1.80 -8.53
C ASP B 115 20.29 2.38 -7.13
N ILE B 116 21.32 3.17 -6.80
CA ILE B 116 21.45 3.70 -5.45
C ILE B 116 20.46 4.83 -5.23
N ARG B 117 19.50 4.60 -4.34
CA ARG B 117 18.64 5.66 -3.83
C ARG B 117 18.74 5.68 -2.31
N ARG B 118 18.67 4.49 -1.70
CA ARG B 118 18.84 4.27 -0.27
C ARG B 118 17.72 4.89 0.55
N LYS B 119 16.86 5.67 -0.10
CA LYS B 119 15.65 6.23 0.48
C LYS B 119 14.94 7.06 -0.59
N ASP B 120 13.65 7.31 -0.39
CA ASP B 120 12.86 8.13 -1.31
C ASP B 120 12.25 9.28 -0.52
N ASN B 121 12.92 10.42 -0.54
CA ASN B 121 12.48 11.61 0.19
C ASN B 121 11.83 12.61 -0.76
N LEU B 122 10.76 13.24 -0.27
CA LEU B 122 10.02 14.20 -1.08
C LEU B 122 10.78 15.52 -1.21
N ASP B 123 11.37 16.00 -0.11
CA ASP B 123 12.06 17.29 -0.10
C ASP B 123 13.48 17.14 -0.63
N ALA B 124 13.58 16.70 -1.87
CA ALA B 124 14.89 16.55 -2.49
C ALA B 124 15.01 17.22 -3.84
N SER B 125 13.96 17.19 -4.66
CA SER B 125 14.03 17.75 -6.00
C SER B 125 13.67 19.22 -6.06
N SER B 126 12.78 19.69 -5.18
CA SER B 126 12.44 21.11 -5.16
C SER B 126 13.63 21.96 -4.75
N VAL B 127 14.51 21.44 -3.88
CA VAL B 127 15.68 22.19 -3.44
C VAL B 127 16.81 22.17 -4.45
N VAL B 128 16.67 21.44 -5.56
CA VAL B 128 17.75 21.35 -6.53
C VAL B 128 17.32 21.95 -7.85
N MET B 129 16.02 21.86 -8.16
CA MET B 129 15.57 22.25 -9.49
C MET B 129 14.34 23.16 -9.45
N LEU B 130 13.82 23.47 -8.27
CA LEU B 130 12.66 24.33 -8.13
C LEU B 130 12.96 25.48 -7.17
N ASN B 131 14.10 26.13 -7.38
CA ASN B 131 14.52 27.27 -6.57
C ASN B 131 14.90 28.43 -7.48
N PRO B 132 14.76 29.66 -6.99
CA PRO B 132 15.16 30.83 -7.80
C PRO B 132 16.66 31.11 -7.78
N ILE B 133 17.43 30.40 -6.96
CA ILE B 133 18.88 30.59 -6.87
C ILE B 133 19.62 29.46 -7.56
N ASN B 134 19.47 28.24 -7.09
CA ASN B 134 20.15 27.08 -7.65
C ASN B 134 19.21 26.16 -8.41
N GLY B 135 17.92 26.47 -8.49
CA GLY B 135 16.99 25.65 -9.23
C GLY B 135 17.26 25.66 -10.72
N LYS B 136 17.55 24.50 -11.28
CA LYS B 136 17.85 24.39 -12.70
C LYS B 136 16.62 24.17 -13.57
N GLY B 137 15.42 24.18 -12.97
CA GLY B 137 14.21 23.94 -13.75
C GLY B 137 14.03 24.93 -14.89
N SER B 138 14.33 26.20 -14.65
CA SER B 138 14.27 27.19 -15.72
C SER B 138 15.26 26.85 -16.82
N THR B 139 16.49 26.49 -16.45
CA THR B 139 17.48 26.11 -17.45
C THR B 139 17.04 24.85 -18.19
N LEU B 140 16.52 23.86 -17.46
CA LEU B 140 16.04 22.64 -18.11
C LEU B 140 14.92 22.94 -19.07
N ARG B 141 13.96 23.76 -18.65
CA ARG B 141 12.81 24.08 -19.51
C ARG B 141 13.27 24.83 -20.75
N LYS B 142 14.09 25.85 -20.58
CA LYS B 142 14.55 26.70 -21.68
C LYS B 142 15.65 26.05 -22.49
N GLU B 143 16.11 24.87 -22.11
CA GLU B 143 17.00 24.08 -22.95
C GLU B 143 16.29 22.96 -23.68
N VAL B 144 15.28 22.34 -23.08
CA VAL B 144 14.51 21.32 -23.78
C VAL B 144 13.49 21.93 -24.74
N ASP B 145 13.02 23.16 -24.49
CA ASP B 145 12.22 23.83 -25.49
C ASP B 145 13.02 24.16 -26.73
N LYS B 146 14.32 24.38 -26.58
CA LYS B 146 15.20 24.58 -27.73
C LYS B 146 15.13 23.38 -28.67
N PHE B 147 15.07 22.17 -28.11
CA PHE B 147 15.05 20.99 -28.95
C PHE B 147 13.78 20.93 -29.78
N ARG B 148 12.62 21.16 -29.16
CA ARG B 148 11.38 21.09 -29.91
C ARG B 148 11.30 22.21 -30.94
N GLU B 149 11.76 23.41 -30.59
CA GLU B 149 11.69 24.50 -31.57
C GLU B 149 12.66 24.27 -32.72
N LEU B 150 13.79 23.60 -32.47
CA LEU B 150 14.70 23.31 -33.58
C LEU B 150 14.20 22.16 -34.44
N VAL B 151 13.52 21.18 -33.85
CA VAL B 151 12.94 20.09 -34.61
C VAL B 151 11.57 20.46 -35.20
N ALA B 152 11.11 21.69 -34.96
CA ALA B 152 9.89 22.14 -35.61
C ALA B 152 10.17 23.23 -36.65
N THR B 153 10.81 24.33 -36.22
CA THR B 153 10.96 25.49 -37.10
C THR B 153 11.92 25.20 -38.24
N LEU B 154 13.08 24.61 -37.93
CA LEU B 154 14.07 24.35 -38.96
C LEU B 154 13.63 23.22 -39.89
N MET B 155 12.69 22.40 -39.45
CA MET B 155 12.34 21.18 -40.15
C MET B 155 11.28 21.44 -41.21
N THR B 156 11.00 20.42 -42.02
CA THR B 156 9.90 20.45 -42.98
C THR B 156 8.77 19.61 -42.39
N ASP B 157 7.99 20.24 -41.51
CA ASP B 157 7.05 19.48 -40.68
C ASP B 157 5.96 18.84 -41.53
N LYS B 158 5.51 17.67 -41.07
CA LYS B 158 4.50 16.88 -41.75
C LYS B 158 3.77 16.06 -40.71
N ALA B 159 2.66 15.44 -41.13
CA ALA B 159 1.81 14.69 -40.19
C ALA B 159 2.60 13.61 -39.46
N LYS B 160 3.40 12.84 -40.20
CA LYS B 160 4.26 11.84 -39.58
C LYS B 160 5.46 12.46 -38.88
N LEU B 161 5.81 13.69 -39.24
CA LEU B 161 6.85 14.46 -38.55
C LEU B 161 6.30 15.08 -37.28
N LYS B 162 6.97 16.12 -36.78
CA LYS B 162 6.81 16.57 -35.40
C LYS B 162 5.39 17.11 -35.22
N LEU B 163 4.47 16.16 -35.06
CA LEU B 163 3.11 16.43 -34.58
C LEU B 163 2.72 15.48 -33.46
N ILE B 164 3.65 14.65 -32.97
CA ILE B 164 3.34 13.59 -32.02
C ILE B 164 4.16 13.71 -30.75
N GLU B 165 5.48 13.83 -30.89
CA GLU B 165 6.39 13.74 -29.74
C GLU B 165 6.22 14.87 -28.73
N GLN B 166 5.33 15.83 -28.98
CA GLN B 166 5.07 16.86 -27.98
C GLN B 166 4.30 16.31 -26.79
N ALA B 167 3.70 15.13 -26.93
CA ALA B 167 3.04 14.50 -25.79
C ALA B 167 4.02 14.23 -24.66
N LEU B 168 5.31 14.05 -24.98
CA LEU B 168 6.36 13.93 -23.98
C LEU B 168 7.32 15.11 -23.99
N ASN B 169 7.33 15.90 -25.06
CA ASN B 169 8.09 17.15 -25.14
C ASN B 169 7.19 18.35 -24.85
N THR B 170 6.29 18.18 -23.87
CA THR B 170 5.18 19.10 -23.65
C THR B 170 5.62 20.56 -23.65
N GLU B 171 6.49 20.94 -22.72
CA GLU B 171 6.99 22.30 -22.53
C GLU B 171 5.89 23.24 -22.04
N SER B 172 4.64 22.78 -21.98
CA SER B 172 3.53 23.60 -21.47
C SER B 172 2.56 22.65 -20.76
N GLY B 173 2.73 22.52 -19.45
CA GLY B 173 1.92 21.59 -18.69
C GLY B 173 0.54 22.11 -18.38
N THR B 174 0.03 21.78 -17.20
CA THR B 174 -1.32 22.18 -16.79
C THR B 174 -1.30 23.58 -16.18
N LYS B 175 -2.49 24.10 -15.93
CA LYS B 175 -2.63 25.43 -15.35
C LYS B 175 -2.11 25.44 -13.91
N GLY B 176 -1.67 26.62 -13.48
CA GLY B 176 -1.15 26.78 -12.13
C GLY B 176 0.33 26.50 -12.03
N LYS B 177 0.70 25.29 -11.63
CA LYS B 177 2.09 24.93 -11.47
C LYS B 177 2.83 24.99 -12.81
N SER B 178 4.06 25.50 -12.77
CA SER B 178 4.86 25.61 -13.97
C SER B 178 5.30 24.23 -14.45
N TRP B 179 5.65 24.17 -15.74
CA TRP B 179 6.01 22.90 -16.35
C TRP B 179 7.17 22.23 -15.63
N GLU B 180 8.22 22.99 -15.34
CA GLU B 180 9.36 22.44 -14.61
C GLU B 180 9.01 22.07 -13.18
N SER B 181 7.87 22.54 -12.67
CA SER B 181 7.37 22.09 -11.38
C SER B 181 6.21 21.12 -11.50
N SER B 182 5.42 21.22 -12.57
CA SER B 182 4.35 20.25 -12.79
C SER B 182 4.91 18.86 -12.98
N LEU B 183 6.07 18.75 -13.65
CA LEU B 183 6.69 17.45 -13.86
C LEU B 183 7.08 16.81 -12.53
N PHE B 184 7.67 17.60 -11.63
CA PHE B 184 8.02 17.09 -10.30
C PHE B 184 8.04 18.26 -9.31
N GLU B 185 6.93 18.44 -8.60
CA GLU B 185 6.85 19.40 -7.51
C GLU B 185 7.11 18.74 -6.16
N ASN B 186 6.25 17.79 -5.79
CA ASN B 186 6.43 16.98 -4.58
C ASN B 186 6.50 15.53 -5.03
N MET B 187 7.72 15.03 -5.21
CA MET B 187 7.90 13.76 -5.89
C MET B 187 9.24 13.18 -5.48
N PRO B 188 9.35 11.87 -5.25
CA PRO B 188 10.57 11.31 -4.66
C PRO B 188 11.80 11.44 -5.54
N THR B 189 12.95 11.03 -5.01
CA THR B 189 14.21 11.16 -5.73
C THR B 189 14.20 10.32 -7.01
N VAL B 190 14.10 9.00 -6.86
CA VAL B 190 14.27 8.09 -7.99
C VAL B 190 13.22 8.34 -9.06
N ALA B 191 12.05 8.84 -8.67
CA ALA B 191 11.07 9.23 -9.66
C ALA B 191 11.61 10.30 -10.60
N ALA B 192 12.35 11.27 -10.04
CA ALA B 192 12.93 12.32 -10.87
C ALA B 192 13.97 11.75 -11.84
N ILE B 193 14.82 10.84 -11.36
CA ILE B 193 15.82 10.25 -12.24
C ILE B 193 15.15 9.45 -13.35
N THR B 194 14.10 8.69 -13.02
CA THR B 194 13.40 7.94 -14.04
C THR B 194 12.74 8.86 -15.06
N LEU B 195 12.16 9.97 -14.60
CA LEU B 195 11.55 10.90 -15.54
C LEU B 195 12.59 11.54 -16.46
N LEU B 196 13.74 11.94 -15.91
CA LEU B 196 14.78 12.47 -16.76
C LEU B 196 15.33 11.41 -17.72
N THR B 197 15.32 10.16 -17.27
CA THR B 197 15.66 9.06 -18.15
C THR B 197 14.69 8.97 -19.32
N LYS B 198 13.39 9.14 -19.03
CA LYS B 198 12.40 9.12 -20.10
C LYS B 198 12.57 10.33 -21.02
N LEU B 199 12.98 11.47 -20.48
CA LEU B 199 13.29 12.63 -21.32
C LEU B 199 14.43 12.30 -22.28
N GLN B 200 15.50 11.69 -21.77
CA GLN B 200 16.62 11.32 -22.64
C GLN B 200 16.19 10.33 -23.70
N SER B 201 15.37 9.35 -23.32
CA SER B 201 14.87 8.37 -24.29
C SER B 201 14.03 9.06 -25.35
N ASP B 202 13.20 10.02 -24.95
CA ASP B 202 12.37 10.74 -25.90
C ASP B 202 13.22 11.57 -26.85
N VAL B 203 14.29 12.19 -26.33
CA VAL B 203 15.19 12.96 -27.19
C VAL B 203 15.84 12.05 -28.23
N ARG B 204 16.33 10.90 -27.80
CA ARG B 204 16.94 9.96 -28.73
C ARG B 204 15.91 9.43 -29.72
N TYR B 205 14.67 9.21 -29.26
CA TYR B 205 13.58 8.80 -30.14
C TYR B 205 13.37 9.82 -31.26
N ALA B 206 13.19 11.08 -30.87
CA ALA B 206 12.96 12.15 -31.84
C ALA B 206 14.13 12.27 -32.80
N GLN B 207 15.35 12.17 -32.29
CA GLN B 207 16.52 12.12 -33.16
C GLN B 207 16.40 10.97 -34.15
N GLY B 208 15.88 9.83 -33.70
CA GLY B 208 15.72 8.70 -34.60
C GLY B 208 14.79 9.02 -35.75
N GLU B 209 13.61 9.60 -35.45
CA GLU B 209 12.72 9.95 -36.56
C GLU B 209 13.33 11.02 -37.46
N VAL B 210 14.04 11.99 -36.88
CA VAL B 210 14.60 13.04 -37.73
C VAL B 210 15.65 12.46 -38.68
N LEU B 211 16.51 11.57 -38.20
CA LEU B 211 17.47 10.93 -39.09
C LEU B 211 16.77 10.03 -40.09
N ALA B 212 15.65 9.42 -39.71
CA ALA B 212 14.88 8.65 -40.68
C ALA B 212 14.36 9.54 -41.80
N ASP B 213 13.86 10.73 -41.44
CA ASP B 213 13.40 11.68 -42.45
C ASP B 213 14.54 12.09 -43.36
N LEU B 214 15.72 12.35 -42.78
CA LEU B 214 16.86 12.72 -43.60
C LEU B 214 17.30 11.59 -44.53
N VAL B 215 17.21 10.34 -44.06
CA VAL B 215 17.57 9.20 -44.90
C VAL B 215 16.59 9.08 -46.07
N LYS B 216 15.29 9.20 -45.80
CA LYS B 216 14.35 9.10 -46.92
C LYS B 216 14.44 10.32 -47.83
N SER B 217 14.90 11.46 -47.33
CA SER B 217 15.07 12.63 -48.17
C SER B 217 16.31 12.53 -49.06
N VAL B 218 17.38 11.88 -48.56
CA VAL B 218 18.61 11.79 -49.34
C VAL B 218 18.51 10.65 -50.35
N ASP B 219 17.89 9.53 -49.98
CA ASP B 219 17.74 8.42 -50.91
C ASP B 219 16.89 8.81 -52.11
N VAL B 220 15.77 9.49 -51.86
CA VAL B 220 14.96 10.01 -52.96
C VAL B 220 15.68 11.16 -53.66
N GLY B 221 16.28 12.06 -52.89
CA GLY B 221 17.01 13.18 -53.46
C GLY B 221 18.32 12.78 -54.10
N GLY C 2 -35.78 20.16 12.72
CA GLY C 2 -36.08 20.11 14.13
C GLY C 2 -36.93 18.92 14.52
N HIS C 3 -37.80 18.49 13.60
CA HIS C 3 -38.63 17.33 13.86
C HIS C 3 -37.81 16.05 14.00
N TYR C 4 -36.62 16.03 13.39
CA TYR C 4 -35.76 14.85 13.49
C TYR C 4 -35.36 14.59 14.94
N ARG C 5 -35.29 15.64 15.76
CA ARG C 5 -34.95 15.45 17.16
C ARG C 5 -36.00 14.61 17.89
N ARG C 6 -37.25 14.66 17.43
CA ARG C 6 -38.26 13.74 17.97
C ARG C 6 -37.95 12.30 17.54
N TYR C 7 -37.59 12.12 16.26
CA TYR C 7 -37.17 10.81 15.79
C TYR C 7 -35.96 10.31 16.58
N LYS C 8 -34.97 11.17 16.77
CA LYS C 8 -33.78 10.76 17.52
C LYS C 8 -34.11 10.47 18.99
N ASN C 9 -35.03 11.23 19.58
CA ASN C 9 -35.41 10.96 20.97
C ASN C 9 -36.12 9.62 21.11
N ILE C 10 -37.07 9.33 20.22
CA ILE C 10 -37.77 8.06 20.31
C ILE C 10 -36.82 6.90 19.99
N LEU C 11 -35.88 7.11 19.06
CA LEU C 11 -34.89 6.08 18.76
C LEU C 11 -33.98 5.83 19.96
N GLU C 12 -33.56 6.91 20.61
CA GLU C 12 -32.69 6.77 21.79
C GLU C 12 -33.41 6.04 22.92
N MET C 13 -34.69 6.34 23.14
CA MET C 13 -35.40 5.64 24.19
C MET C 13 -35.72 4.20 23.79
N TYR C 14 -35.81 3.93 22.48
CA TYR C 14 -36.00 2.56 22.03
C TYR C 14 -34.75 1.72 22.24
N LEU C 15 -33.58 2.28 21.93
CA LEU C 15 -32.34 1.51 22.04
C LEU C 15 -32.10 1.01 23.47
N ALA C 16 -32.60 1.73 24.47
CA ALA C 16 -32.45 1.29 25.85
C ALA C 16 -33.41 0.15 26.21
N SER C 17 -34.42 -0.11 25.38
CA SER C 17 -35.41 -1.11 25.71
C SER C 17 -34.81 -2.51 25.67
N HIS C 18 -35.33 -3.38 26.53
CA HIS C 18 -34.83 -4.75 26.62
C HIS C 18 -34.99 -5.47 25.28
N LYS C 19 -36.16 -5.31 24.65
CA LYS C 19 -36.37 -5.91 23.34
C LYS C 19 -35.43 -5.31 22.30
N GLY C 20 -35.22 -3.99 22.36
CA GLY C 20 -34.39 -3.32 21.39
C GLY C 20 -32.91 -3.46 21.63
N ARG C 21 -32.48 -3.30 22.88
CA ARG C 21 -31.07 -3.43 23.21
C ARG C 21 -30.53 -4.82 22.88
N ARG C 22 -31.41 -5.82 22.82
CA ARG C 22 -31.00 -7.13 22.32
C ARG C 22 -30.52 -7.04 20.88
N LEU C 23 -31.27 -6.32 20.04
CA LEU C 23 -30.90 -6.18 18.63
C LEU C 23 -29.52 -5.56 18.48
N LEU C 24 -29.11 -4.73 19.44
CA LEU C 24 -27.81 -4.09 19.36
C LEU C 24 -26.70 -5.13 19.33
N ASN C 25 -26.85 -6.21 20.09
CA ASN C 25 -25.87 -7.28 20.05
C ASN C 25 -25.80 -7.92 18.67
N ILE C 26 -26.96 -8.16 18.05
CA ILE C 26 -26.96 -8.78 16.72
C ILE C 26 -26.29 -7.85 15.72
N VAL C 27 -26.61 -6.57 15.74
CA VAL C 27 -26.03 -5.69 14.73
C VAL C 27 -24.52 -5.58 14.94
N TYR C 28 -24.07 -5.44 16.19
CA TYR C 28 -22.63 -5.40 16.45
C TYR C 28 -21.94 -6.66 15.95
N SER C 29 -22.45 -7.83 16.33
CA SER C 29 -21.76 -9.08 16.01
C SER C 29 -21.78 -9.37 14.52
N TRP C 30 -22.91 -9.14 13.86
CA TRP C 30 -22.99 -9.41 12.43
C TRP C 30 -22.18 -8.41 11.63
N GLY C 31 -22.13 -7.15 12.07
CA GLY C 31 -21.23 -6.21 11.43
C GLY C 31 -19.78 -6.62 11.60
N ALA C 32 -19.43 -7.13 12.78
CA ALA C 32 -18.09 -7.67 12.99
C ALA C 32 -17.81 -8.81 12.03
N ALA C 33 -18.78 -9.71 11.86
CA ALA C 33 -18.58 -10.84 10.95
C ALA C 33 -18.38 -10.38 9.52
N VAL C 34 -19.21 -9.44 9.06
CA VAL C 34 -19.10 -9.02 7.67
C VAL C 34 -17.81 -8.22 7.45
N VAL C 35 -17.34 -7.48 8.46
CA VAL C 35 -16.07 -6.78 8.26
C VAL C 35 -14.90 -7.76 8.34
N ILE C 36 -15.03 -8.84 9.10
CA ILE C 36 -14.06 -9.93 8.98
C ILE C 36 -14.02 -10.43 7.55
N LEU C 37 -15.19 -10.67 6.95
CA LEU C 37 -15.23 -11.17 5.59
C LEU C 37 -14.61 -10.18 4.61
N GLY C 38 -14.91 -8.90 4.77
CA GLY C 38 -14.33 -7.90 3.89
C GLY C 38 -12.83 -7.81 4.02
N ALA C 39 -12.32 -7.83 5.26
CA ALA C 39 -10.88 -7.80 5.46
C ALA C 39 -10.21 -9.04 4.89
N LEU C 40 -10.85 -10.20 5.02
CA LEU C 40 -10.33 -11.41 4.40
C LEU C 40 -10.26 -11.27 2.88
N PHE C 41 -11.34 -10.77 2.28
CA PHE C 41 -11.40 -10.66 0.83
C PHE C 41 -10.33 -9.71 0.32
N LYS C 42 -10.17 -8.57 0.98
CA LYS C 42 -9.16 -7.60 0.56
C LYS C 42 -7.75 -8.11 0.82
N LEU C 43 -7.56 -8.83 1.93
CA LEU C 43 -6.24 -9.25 2.35
C LEU C 43 -5.77 -10.48 1.59
N LEU C 44 -6.69 -11.33 1.16
CA LEU C 44 -6.35 -12.57 0.48
C LEU C 44 -6.64 -12.50 -1.02
N HIS C 45 -7.23 -11.41 -1.50
CA HIS C 45 -7.51 -11.19 -2.92
C HIS C 45 -8.52 -12.23 -3.43
N LEU C 46 -9.68 -12.26 -2.79
CA LEU C 46 -10.79 -13.08 -3.24
C LEU C 46 -11.61 -12.29 -4.25
N PRO C 47 -11.95 -12.86 -5.40
CA PRO C 47 -12.60 -12.09 -6.45
C PRO C 47 -13.94 -11.51 -5.99
N MET C 48 -14.31 -10.41 -6.62
CA MET C 48 -15.53 -9.67 -6.30
C MET C 48 -15.58 -9.23 -4.85
N GLY C 49 -14.42 -9.17 -4.18
CA GLY C 49 -14.35 -8.66 -2.84
C GLY C 49 -14.34 -7.15 -2.73
N ASN C 50 -14.22 -6.46 -3.86
CA ASN C 50 -14.32 -5.00 -3.86
C ASN C 50 -15.72 -4.58 -3.42
N GLU C 51 -16.74 -5.31 -3.85
CA GLU C 51 -18.08 -5.09 -3.31
C GLU C 51 -18.17 -5.58 -1.87
N MET C 52 -17.49 -6.70 -1.56
CA MET C 52 -17.47 -7.19 -0.19
C MET C 52 -16.83 -6.19 0.75
N LEU C 53 -15.74 -5.55 0.30
CA LEU C 53 -15.13 -4.49 1.09
C LEU C 53 -16.09 -3.32 1.27
N PHE C 54 -16.82 -2.97 0.21
CA PHE C 54 -17.81 -1.91 0.31
C PHE C 54 -18.85 -2.22 1.38
N VAL C 55 -19.40 -3.42 1.36
CA VAL C 55 -20.45 -3.76 2.30
C VAL C 55 -19.89 -3.85 3.72
N GLY C 56 -18.68 -4.36 3.88
CA GLY C 56 -18.08 -4.38 5.21
C GLY C 56 -17.88 -2.99 5.77
N MET C 57 -17.31 -2.09 4.97
CA MET C 57 -17.08 -0.72 5.44
C MET C 57 -18.39 -0.01 5.75
N ILE C 58 -19.40 -0.17 4.89
CA ILE C 58 -20.66 0.52 5.13
C ILE C 58 -21.36 -0.05 6.36
N THR C 59 -21.27 -1.36 6.57
CA THR C 59 -21.91 -1.98 7.73
C THR C 59 -21.26 -1.51 9.03
N GLU C 60 -19.94 -1.51 9.09
CA GLU C 60 -19.33 -1.06 10.33
C GLU C 60 -19.36 0.46 10.48
N PHE C 61 -19.53 1.20 9.39
CA PHE C 61 -19.89 2.61 9.48
C PHE C 61 -21.22 2.79 10.18
N LEU C 62 -22.22 2.00 9.77
CA LEU C 62 -23.50 2.02 10.46
C LEU C 62 -23.35 1.61 11.91
N VAL C 63 -22.45 0.66 12.18
CA VAL C 63 -22.21 0.21 13.55
C VAL C 63 -21.70 1.37 14.39
N PHE C 64 -20.75 2.12 13.87
CA PHE C 64 -20.28 3.30 14.59
C PHE C 64 -21.38 4.33 14.75
N PHE C 65 -22.17 4.56 13.70
CA PHE C 65 -23.19 5.61 13.75
C PHE C 65 -24.23 5.31 14.82
N ILE C 66 -24.81 4.10 14.78
CA ILE C 66 -25.86 3.77 15.74
C ILE C 66 -25.33 3.59 17.15
N SER C 67 -24.01 3.47 17.31
CA SER C 67 -23.43 3.42 18.65
C SER C 67 -23.45 4.76 19.35
N GLY C 68 -23.74 5.85 18.62
CA GLY C 68 -23.80 7.17 19.21
C GLY C 68 -25.02 7.41 20.08
N PHE C 69 -25.92 6.45 20.17
CA PHE C 69 -27.15 6.61 20.95
C PHE C 69 -27.10 5.89 22.28
N GLU C 70 -26.17 4.96 22.47
CA GLU C 70 -26.02 4.29 23.74
C GLU C 70 -25.50 5.26 24.80
N LYS C 71 -25.96 5.08 26.03
CA LYS C 71 -25.60 5.96 27.14
C LYS C 71 -24.88 5.16 28.22
N PRO C 72 -23.61 5.42 28.47
CA PRO C 72 -22.91 4.76 29.58
C PRO C 72 -23.00 5.59 30.86
N ALA C 73 -22.60 4.95 31.96
CA ALA C 73 -22.63 5.60 33.26
C ALA C 73 -21.38 5.21 34.05
N MET C 74 -20.95 6.10 34.94
CA MET C 74 -19.79 5.88 35.78
C MET C 74 -20.14 5.32 37.15
N GLU C 75 -21.19 5.85 37.78
CA GLU C 75 -21.68 5.45 39.10
C GLU C 75 -20.52 5.15 40.07
N TYR C 76 -19.73 6.18 40.32
CA TYR C 76 -18.58 6.04 41.20
C TYR C 76 -19.02 5.72 42.63
N HIS C 77 -18.28 4.80 43.26
CA HIS C 77 -18.56 4.40 44.64
C HIS C 77 -17.74 5.28 45.60
N TRP C 78 -18.10 6.57 45.59
CA TRP C 78 -17.42 7.59 46.39
C TRP C 78 -15.92 7.64 46.07
N ARG D 5 -4.88 26.48 32.10
CA ARG D 5 -4.42 27.81 32.48
C ARG D 5 -5.39 28.46 33.47
N ARG D 6 -6.37 29.17 32.94
CA ARG D 6 -7.37 29.84 33.75
C ARG D 6 -8.41 28.81 34.20
N TYR D 7 -9.58 29.29 34.65
CA TYR D 7 -10.58 28.43 35.26
C TYR D 7 -11.22 27.54 34.20
N LYS D 8 -10.51 26.44 33.90
CA LYS D 8 -11.02 25.37 33.06
C LYS D 8 -11.82 24.35 33.86
N ASN D 9 -12.06 24.62 35.14
CA ASN D 9 -12.85 23.70 35.95
C ASN D 9 -14.27 23.58 35.43
N ILE D 10 -14.78 24.62 34.75
CA ILE D 10 -16.09 24.51 34.12
C ILE D 10 -16.07 23.44 33.03
N LEU D 11 -15.04 23.44 32.18
CA LEU D 11 -14.91 22.37 31.19
C LEU D 11 -14.73 21.02 31.86
N GLU D 12 -13.94 21.00 32.94
CA GLU D 12 -13.69 19.75 33.66
C GLU D 12 -14.97 19.15 34.20
N MET D 13 -15.84 19.97 34.80
CA MET D 13 -17.11 19.45 35.30
C MET D 13 -18.09 19.18 34.16
N TYR D 14 -17.95 19.88 33.03
CA TYR D 14 -18.78 19.58 31.87
C TYR D 14 -18.50 18.18 31.35
N LEU D 15 -17.21 17.81 31.29
CA LEU D 15 -16.87 16.45 30.85
C LEU D 15 -17.39 15.41 31.84
N ALA D 16 -17.31 15.70 33.13
CA ALA D 16 -17.83 14.80 34.14
C ALA D 16 -19.34 14.91 34.32
N SER D 17 -19.97 15.93 33.74
CA SER D 17 -21.41 16.10 33.88
C SER D 17 -22.15 14.96 33.19
N HIS D 18 -23.27 14.56 33.78
CA HIS D 18 -24.09 13.50 33.20
C HIS D 18 -24.62 13.88 31.84
N LYS D 19 -24.69 15.18 31.53
CA LYS D 19 -25.10 15.64 30.21
C LYS D 19 -23.92 15.87 29.27
N GLY D 20 -22.72 16.07 29.82
CA GLY D 20 -21.56 16.25 28.95
C GLY D 20 -21.16 14.98 28.22
N ARG D 21 -21.24 13.84 28.89
CA ARG D 21 -20.72 12.60 28.30
C ARG D 21 -21.51 12.19 27.07
N ARG D 22 -22.84 12.35 27.08
CA ARG D 22 -23.64 11.99 25.92
C ARG D 22 -23.18 12.75 24.68
N LEU D 23 -22.94 14.04 24.82
CA LEU D 23 -22.38 14.82 23.71
C LEU D 23 -21.00 14.32 23.35
N LEU D 24 -20.17 14.02 24.35
CA LEU D 24 -18.82 13.54 24.10
C LEU D 24 -18.86 12.23 23.33
N ASN D 25 -19.67 11.28 23.79
CA ASN D 25 -19.75 9.99 23.13
C ASN D 25 -20.30 10.13 21.71
N ILE D 26 -21.34 10.95 21.54
CA ILE D 26 -21.95 11.04 20.22
C ILE D 26 -21.01 11.72 19.24
N VAL D 27 -20.25 12.72 19.70
CA VAL D 27 -19.33 13.39 18.78
C VAL D 27 -18.19 12.44 18.42
N TYR D 28 -17.68 11.68 19.39
CA TYR D 28 -16.67 10.68 19.06
C TYR D 28 -17.18 9.68 18.04
N SER D 29 -18.36 9.10 18.28
CA SER D 29 -18.86 8.05 17.41
C SER D 29 -19.17 8.59 16.02
N TRP D 30 -19.79 9.76 15.93
CA TRP D 30 -20.10 10.32 14.61
C TRP D 30 -18.84 10.75 13.88
N GLY D 31 -17.84 11.25 14.60
CA GLY D 31 -16.56 11.53 13.95
C GLY D 31 -15.93 10.28 13.38
N ALA D 32 -15.97 9.18 14.15
CA ALA D 32 -15.44 7.93 13.63
C ALA D 32 -16.22 7.49 12.39
N ALA D 33 -17.54 7.63 12.43
CA ALA D 33 -18.36 7.22 11.29
C ALA D 33 -18.03 8.03 10.04
N VAL D 34 -17.88 9.34 10.20
CA VAL D 34 -17.60 10.17 9.03
C VAL D 34 -16.17 9.93 8.53
N VAL D 35 -15.22 9.66 9.43
CA VAL D 35 -13.88 9.27 9.00
C VAL D 35 -13.95 8.02 8.14
N ILE D 36 -14.69 7.02 8.60
CA ILE D 36 -14.76 5.75 7.88
C ILE D 36 -15.43 5.94 6.52
N LEU D 37 -16.54 6.69 6.48
CA LEU D 37 -17.23 6.88 5.21
C LEU D 37 -16.38 7.71 4.26
N GLY D 38 -15.63 8.69 4.78
CA GLY D 38 -14.74 9.46 3.94
C GLY D 38 -13.63 8.62 3.36
N ALA D 39 -13.06 7.71 4.17
CA ALA D 39 -12.07 6.78 3.64
C ALA D 39 -12.68 5.92 2.54
N LEU D 40 -13.89 5.41 2.78
CA LEU D 40 -14.58 4.58 1.79
C LEU D 40 -14.75 5.34 0.48
N PHE D 41 -15.14 6.62 0.56
CA PHE D 41 -15.20 7.43 -0.64
C PHE D 41 -13.83 7.57 -1.28
N LYS D 42 -12.79 7.75 -0.46
CA LYS D 42 -11.47 8.02 -1.00
C LYS D 42 -10.96 6.85 -1.84
N LEU D 43 -11.14 5.61 -1.37
CA LEU D 43 -10.66 4.50 -2.18
C LEU D 43 -11.70 4.05 -3.20
N LEU D 44 -12.74 4.85 -3.44
CA LEU D 44 -13.69 4.60 -4.52
C LEU D 44 -13.79 5.76 -5.50
N HIS D 45 -13.03 6.83 -5.30
CA HIS D 45 -13.08 8.03 -6.14
C HIS D 45 -14.52 8.53 -6.29
N LEU D 46 -15.11 8.87 -5.16
CA LEU D 46 -16.46 9.38 -5.16
C LEU D 46 -16.49 10.85 -4.76
N PRO D 47 -17.49 11.61 -5.22
CA PRO D 47 -17.47 13.06 -5.02
C PRO D 47 -17.49 13.45 -3.55
N MET D 48 -16.88 14.61 -3.27
CA MET D 48 -16.79 15.22 -1.95
C MET D 48 -16.45 14.23 -0.85
N GLY D 49 -15.63 13.23 -1.19
CA GLY D 49 -15.24 12.24 -0.21
C GLY D 49 -13.91 12.57 0.46
N ASN D 50 -12.96 13.08 -0.32
CA ASN D 50 -11.67 13.47 0.24
C ASN D 50 -11.84 14.54 1.31
N GLU D 51 -12.79 15.44 1.11
CA GLU D 51 -13.04 16.48 2.11
C GLU D 51 -13.54 15.88 3.42
N MET D 52 -14.39 14.85 3.33
CA MET D 52 -15.02 14.31 4.54
C MET D 52 -13.99 13.70 5.49
N LEU D 53 -12.83 13.29 4.97
CA LEU D 53 -11.76 12.86 5.86
C LEU D 53 -11.34 13.98 6.79
N PHE D 54 -11.26 15.21 6.27
CA PHE D 54 -10.78 16.32 7.08
C PHE D 54 -11.77 16.67 8.19
N VAL D 55 -13.06 16.75 7.85
CA VAL D 55 -14.05 17.12 8.85
C VAL D 55 -14.19 16.05 9.93
N GLY D 56 -13.79 14.82 9.64
CA GLY D 56 -13.83 13.77 10.63
C GLY D 56 -12.58 13.70 11.48
N MET D 57 -11.42 13.83 10.84
CA MET D 57 -10.16 13.81 11.58
C MET D 57 -10.03 15.03 12.49
N ILE D 58 -10.46 16.20 12.03
CA ILE D 58 -10.44 17.37 12.89
C ILE D 58 -11.41 17.19 14.04
N THR D 59 -12.56 16.56 13.79
CA THR D 59 -13.49 16.26 14.86
C THR D 59 -12.87 15.34 15.89
N GLU D 60 -12.14 14.32 15.43
CA GLU D 60 -11.47 13.41 16.35
C GLU D 60 -10.39 14.13 17.15
N PHE D 61 -9.63 15.01 16.50
CA PHE D 61 -8.63 15.79 17.21
C PHE D 61 -9.30 16.64 18.29
N LEU D 62 -10.39 17.32 17.94
CA LEU D 62 -11.05 18.17 18.92
C LEU D 62 -11.59 17.37 20.10
N VAL D 63 -12.20 16.21 19.82
CA VAL D 63 -12.80 15.44 20.91
C VAL D 63 -11.71 14.90 21.83
N PHE D 64 -10.61 14.38 21.27
CA PHE D 64 -9.54 13.89 22.13
C PHE D 64 -8.87 15.03 22.89
N PHE D 65 -8.67 16.17 22.23
CA PHE D 65 -8.02 17.31 22.88
C PHE D 65 -8.85 17.80 24.07
N ILE D 66 -10.16 17.96 23.87
CA ILE D 66 -10.99 18.41 24.99
C ILE D 66 -11.10 17.31 26.03
N SER D 67 -11.06 16.04 25.61
CA SER D 67 -11.06 14.94 26.55
C SER D 67 -9.79 14.88 27.38
N GLY D 68 -8.73 15.55 26.94
CA GLY D 68 -7.49 15.54 27.68
C GLY D 68 -7.60 16.04 29.10
N PHE D 69 -8.65 16.81 29.41
CA PHE D 69 -8.78 17.45 30.71
C PHE D 69 -9.75 16.74 31.65
N GLU D 70 -10.30 15.59 31.29
CA GLU D 70 -11.27 14.97 32.18
C GLU D 70 -10.59 14.38 33.40
N LYS D 71 -11.34 14.29 34.48
CA LYS D 71 -10.88 13.55 35.64
C LYS D 71 -10.93 12.06 35.33
N PRO D 72 -9.82 11.34 35.46
CA PRO D 72 -9.83 9.90 35.16
C PRO D 72 -10.64 9.12 36.18
N ALA D 73 -11.20 8.01 35.71
CA ALA D 73 -11.97 7.12 36.58
C ALA D 73 -11.00 6.36 37.47
N MET D 74 -10.91 6.78 38.73
CA MET D 74 -9.96 6.18 39.65
C MET D 74 -10.30 4.72 39.91
N GLU D 75 -9.26 3.88 39.95
CA GLU D 75 -9.45 2.45 40.15
C GLU D 75 -9.87 2.16 41.59
N TYR D 76 -10.75 1.17 41.75
CA TYR D 76 -11.37 0.87 43.02
C TYR D 76 -10.86 -0.45 43.58
N HIS D 77 -10.37 -0.41 44.82
CA HIS D 77 -9.98 -1.62 45.52
C HIS D 77 -11.13 -2.13 46.38
N TRP D 78 -11.00 -3.37 46.83
CA TRP D 78 -12.02 -3.98 47.66
C TRP D 78 -11.41 -4.81 48.79
N GLY E 2 23.93 -0.85 42.28
CA GLY E 2 22.90 -0.99 43.30
C GLY E 2 22.11 0.28 43.54
N HIS E 3 22.06 1.14 42.52
CA HIS E 3 21.34 2.40 42.62
C HIS E 3 20.56 2.70 41.34
N TYR E 4 20.20 1.67 40.60
CA TYR E 4 19.45 1.85 39.35
C TYR E 4 18.20 0.98 39.27
N ARG E 5 18.23 -0.22 39.85
CA ARG E 5 17.16 -1.18 39.64
C ARG E 5 16.04 -1.08 40.67
N ARG E 6 16.36 -0.76 41.92
CA ARG E 6 15.36 -0.78 42.99
C ARG E 6 14.48 0.46 42.99
N TYR E 7 13.94 0.82 41.82
CA TYR E 7 13.11 2.00 41.68
C TYR E 7 11.69 1.72 41.23
N LYS E 8 11.38 0.48 40.81
CA LYS E 8 10.01 0.17 40.42
C LYS E 8 9.05 0.33 41.59
N ASN E 9 9.54 0.07 42.82
CA ASN E 9 8.67 0.21 43.99
C ASN E 9 8.20 1.63 44.17
N ILE E 10 9.08 2.61 43.93
CA ILE E 10 8.67 4.01 44.03
C ILE E 10 7.93 4.44 42.78
N LEU E 11 8.28 3.89 41.62
CA LEU E 11 7.59 4.26 40.38
C LEU E 11 6.13 3.84 40.41
N GLU E 12 5.85 2.66 40.96
CA GLU E 12 4.47 2.19 41.06
C GLU E 12 3.63 3.11 41.95
N MET E 13 4.26 3.77 42.92
CA MET E 13 3.53 4.67 43.81
C MET E 13 2.90 5.80 43.01
N TYR E 14 3.61 6.35 42.02
CA TYR E 14 3.06 7.40 41.18
C TYR E 14 1.85 6.89 40.41
N LEU E 15 1.92 5.66 39.91
CA LEU E 15 0.80 5.08 39.17
C LEU E 15 -0.43 4.94 40.06
N ALA E 16 -0.23 4.60 41.33
CA ALA E 16 -1.35 4.54 42.28
C ALA E 16 -1.78 5.90 42.78
N SER E 17 -1.04 6.96 42.46
CA SER E 17 -1.37 8.30 42.89
C SER E 17 -2.18 9.03 41.83
N HIS E 18 -3.06 9.93 42.29
CA HIS E 18 -3.93 10.64 41.38
C HIS E 18 -3.13 11.54 40.43
N LYS E 19 -2.04 12.14 40.93
CA LYS E 19 -1.22 12.98 40.08
C LYS E 19 -0.59 12.16 38.96
N GLY E 20 -0.16 10.93 39.25
CA GLY E 20 0.35 10.07 38.20
C GLY E 20 -0.71 9.69 37.19
N ARG E 21 -1.92 9.37 37.67
CA ARG E 21 -3.02 9.10 36.75
C ARG E 21 -3.34 10.31 35.90
N ARG E 22 -3.36 11.50 36.53
CA ARG E 22 -3.58 12.73 35.80
C ARG E 22 -2.55 12.89 34.68
N LEU E 23 -1.28 12.74 35.02
CA LEU E 23 -0.21 12.94 34.04
C LEU E 23 -0.33 11.94 32.90
N LEU E 24 -0.54 10.66 33.23
CA LEU E 24 -0.60 9.65 32.19
C LEU E 24 -1.80 9.86 31.29
N ASN E 25 -2.96 10.21 31.86
CA ASN E 25 -4.14 10.44 31.05
C ASN E 25 -3.93 11.65 30.13
N ILE E 26 -3.34 12.73 30.65
CA ILE E 26 -3.14 13.91 29.82
C ILE E 26 -2.18 13.61 28.68
N VAL E 27 -1.03 13.01 29.00
CA VAL E 27 -0.06 12.72 27.95
C VAL E 27 -0.65 11.75 26.93
N TYR E 28 -1.45 10.80 27.40
CA TYR E 28 -2.11 9.86 26.50
C TYR E 28 -3.06 10.58 25.55
N SER E 29 -3.94 11.41 26.09
CA SER E 29 -4.96 12.04 25.24
C SER E 29 -4.32 13.00 24.25
N TRP E 30 -3.36 13.79 24.69
CA TRP E 30 -2.66 14.67 23.77
C TRP E 30 -1.91 13.89 22.70
N GLY E 31 -1.27 12.77 23.10
CA GLY E 31 -0.62 11.93 22.11
C GLY E 31 -1.58 11.36 21.11
N ALA E 32 -2.76 10.92 21.56
CA ALA E 32 -3.75 10.39 20.64
C ALA E 32 -4.21 11.46 19.66
N ALA E 33 -4.43 12.68 20.15
CA ALA E 33 -4.85 13.76 19.27
C ALA E 33 -3.79 14.06 18.22
N VAL E 34 -2.52 14.16 18.64
CA VAL E 34 -1.47 14.48 17.68
C VAL E 34 -1.28 13.33 16.71
N VAL E 35 -1.45 12.08 17.15
CA VAL E 35 -1.37 10.95 16.23
C VAL E 35 -2.48 11.03 15.19
N ILE E 36 -3.70 11.34 15.62
CA ILE E 36 -4.81 11.41 14.66
C ILE E 36 -4.56 12.51 13.63
N LEU E 37 -4.11 13.68 14.08
CA LEU E 37 -3.90 14.76 13.12
C LEU E 37 -2.71 14.45 12.21
N GLY E 38 -1.70 13.76 12.75
CA GLY E 38 -0.61 13.31 11.90
C GLY E 38 -1.06 12.31 10.86
N ALA E 39 -1.99 11.42 11.24
CA ALA E 39 -2.58 10.53 10.26
C ALA E 39 -3.31 11.30 9.18
N LEU E 40 -4.05 12.34 9.58
CA LEU E 40 -4.70 13.21 8.60
C LEU E 40 -3.69 13.80 7.62
N PHE E 41 -2.59 14.33 8.14
CA PHE E 41 -1.58 14.88 7.24
C PHE E 41 -0.78 13.80 6.51
N LYS E 42 -0.92 12.54 6.91
CA LYS E 42 -0.26 11.46 6.20
C LYS E 42 -1.08 11.02 5.00
N LEU E 43 -2.40 10.83 5.18
CA LEU E 43 -3.26 10.54 4.04
C LEU E 43 -3.23 11.70 3.04
N LEU E 44 -3.71 12.86 3.46
CA LEU E 44 -3.63 14.05 2.63
C LEU E 44 -2.18 14.50 2.59
N HIS E 45 -1.57 14.49 1.41
CA HIS E 45 -0.14 14.69 1.31
C HIS E 45 0.24 16.14 1.59
N LEU E 46 0.03 16.57 2.85
CA LEU E 46 0.29 17.90 3.40
C LEU E 46 1.68 17.93 4.06
N PRO E 47 2.30 19.12 4.11
CA PRO E 47 3.72 19.20 4.46
C PRO E 47 4.19 18.43 5.69
N MET E 48 3.65 18.75 6.87
CA MET E 48 4.19 18.21 8.11
C MET E 48 3.34 17.04 8.60
N GLY E 49 3.44 15.93 7.87
CA GLY E 49 2.76 14.72 8.28
C GLY E 49 3.62 13.76 9.06
N ASN E 50 4.75 13.34 8.47
CA ASN E 50 5.59 12.34 9.09
C ASN E 50 6.31 12.90 10.33
N GLU E 51 6.79 14.13 10.24
CA GLU E 51 7.55 14.72 11.34
C GLU E 51 6.72 14.83 12.61
N MET E 52 5.40 14.78 12.50
CA MET E 52 4.52 14.89 13.66
C MET E 52 3.82 13.59 14.02
N LEU E 53 3.58 12.72 13.04
CA LEU E 53 3.20 11.34 13.37
C LEU E 53 4.30 10.69 14.19
N PHE E 54 5.56 11.01 13.87
CA PHE E 54 6.69 10.50 14.63
C PHE E 54 6.59 10.89 16.10
N VAL E 55 6.41 12.19 16.38
CA VAL E 55 6.39 12.62 17.77
C VAL E 55 5.17 12.05 18.48
N GLY E 56 4.03 12.00 17.80
CA GLY E 56 2.85 11.43 18.43
C GLY E 56 3.04 9.98 18.84
N MET E 57 3.47 9.13 17.91
CA MET E 57 3.59 7.72 18.23
C MET E 57 4.77 7.45 19.17
N ILE E 58 5.82 8.26 19.13
CA ILE E 58 6.91 8.08 20.09
C ILE E 58 6.45 8.44 21.49
N THR E 59 5.68 9.52 21.65
CA THR E 59 5.12 9.82 22.96
C THR E 59 4.21 8.70 23.44
N GLU E 60 3.38 8.16 22.54
CA GLU E 60 2.50 7.06 22.94
C GLU E 60 3.31 5.83 23.37
N PHE E 61 4.35 5.52 22.62
CA PHE E 61 5.22 4.39 22.95
C PHE E 61 5.90 4.60 24.29
N LEU E 62 6.34 5.81 24.57
CA LEU E 62 6.94 6.12 25.86
C LEU E 62 5.93 5.94 26.98
N VAL E 63 4.69 6.39 26.76
CA VAL E 63 3.64 6.23 27.76
C VAL E 63 3.47 4.76 28.10
N PHE E 64 3.35 3.90 27.09
CA PHE E 64 3.16 2.49 27.39
C PHE E 64 4.42 1.86 27.97
N PHE E 65 5.59 2.37 27.59
CA PHE E 65 6.84 1.85 28.16
C PHE E 65 6.91 2.12 29.65
N ILE E 66 6.47 3.30 30.08
CA ILE E 66 6.47 3.60 31.51
C ILE E 66 5.20 3.13 32.22
N SER E 67 4.16 2.77 31.47
CA SER E 67 2.91 2.29 32.07
C SER E 67 2.85 0.78 32.18
N GLY E 68 3.93 0.07 31.84
CA GLY E 68 3.94 -1.36 31.98
C GLY E 68 4.15 -1.86 33.39
N PHE E 69 4.37 -0.97 34.35
CA PHE E 69 4.66 -1.35 35.73
C PHE E 69 3.43 -1.36 36.63
N GLU E 70 2.26 -1.03 36.10
CA GLU E 70 1.04 -0.99 36.92
C GLU E 70 0.58 -2.42 37.22
N LYS E 71 0.99 -2.94 38.38
CA LYS E 71 0.65 -4.31 38.75
C LYS E 71 -0.85 -4.54 38.92
N PRO E 72 -1.60 -3.73 39.69
CA PRO E 72 -2.95 -4.16 40.09
C PRO E 72 -3.97 -4.16 38.96
N ALA E 73 -4.38 -5.36 38.54
CA ALA E 73 -5.47 -5.55 37.61
C ALA E 73 -6.32 -6.74 38.07
N MET E 74 -6.62 -6.77 39.37
CA MET E 74 -7.21 -7.95 39.98
C MET E 74 -8.57 -8.27 39.38
N GLU E 75 -8.85 -9.57 39.23
CA GLU E 75 -10.13 -10.02 38.70
C GLU E 75 -11.27 -9.74 39.68
N TYR E 76 -10.96 -9.69 40.98
CA TYR E 76 -11.93 -9.40 42.03
C TYR E 76 -13.09 -10.40 42.00
N HIS E 77 -12.75 -11.65 42.29
CA HIS E 77 -13.76 -12.69 42.42
C HIS E 77 -14.72 -12.36 43.55
N TRP E 78 -15.98 -12.74 43.37
CA TRP E 78 -17.00 -12.58 44.39
C TRP E 78 -17.56 -13.95 44.73
N GLU E 79 -17.52 -14.31 46.01
CA GLU E 79 -18.00 -15.59 46.49
C GLU E 79 -19.38 -15.51 47.11
N GLU E 80 -20.10 -14.40 46.90
CA GLU E 80 -21.42 -14.22 47.50
C GLU E 80 -22.43 -15.14 46.81
N VAL E 81 -23.67 -15.06 47.26
CA VAL E 81 -24.74 -15.89 46.74
C VAL E 81 -25.31 -15.28 45.46
N GLY F 2 -2.75 -36.33 29.75
CA GLY F 2 -1.87 -36.60 30.86
C GLY F 2 -0.59 -35.80 30.82
N HIS F 3 0.37 -36.27 30.00
CA HIS F 3 1.64 -35.57 29.86
C HIS F 3 1.44 -34.18 29.29
N TYR F 4 0.58 -34.05 28.26
CA TYR F 4 0.24 -32.74 27.74
C TYR F 4 -0.74 -32.01 28.65
N ARG F 5 -1.56 -32.74 29.40
CA ARG F 5 -2.44 -32.11 30.36
C ARG F 5 -1.69 -31.63 31.60
N ARG F 6 -0.54 -32.25 31.91
CA ARG F 6 0.28 -31.78 33.02
C ARG F 6 0.76 -30.36 32.77
N TYR F 7 1.34 -30.11 31.59
CA TYR F 7 1.78 -28.77 31.24
C TYR F 7 0.59 -27.81 31.16
N LYS F 8 -0.53 -28.29 30.61
CA LYS F 8 -1.73 -27.45 30.53
C LYS F 8 -2.15 -26.97 31.92
N ASN F 9 -2.20 -27.88 32.89
CA ASN F 9 -2.68 -27.52 34.22
C ASN F 9 -1.66 -26.67 34.97
N ILE F 10 -0.36 -26.98 34.84
CA ILE F 10 0.63 -26.18 35.54
C ILE F 10 0.63 -24.76 34.98
N LEU F 11 0.48 -24.61 33.66
CA LEU F 11 0.36 -23.30 33.06
C LEU F 11 -0.91 -22.60 33.49
N GLU F 12 -2.02 -23.34 33.60
CA GLU F 12 -3.27 -22.75 34.04
C GLU F 12 -3.13 -22.17 35.44
N MET F 13 -2.46 -22.90 36.33
CA MET F 13 -2.21 -22.35 37.66
C MET F 13 -1.29 -21.13 37.56
N TYR F 14 -0.27 -21.21 36.70
CA TYR F 14 0.70 -20.13 36.56
C TYR F 14 0.02 -18.84 36.13
N LEU F 15 -1.00 -18.93 35.27
CA LEU F 15 -1.75 -17.78 34.80
C LEU F 15 -2.84 -17.36 35.79
N ALA F 16 -2.75 -17.79 37.04
CA ALA F 16 -3.62 -17.35 38.11
C ALA F 16 -2.89 -16.71 39.27
N SER F 17 -1.66 -17.14 39.55
CA SER F 17 -0.88 -16.54 40.62
C SER F 17 -0.51 -15.10 40.25
N HIS F 18 -0.20 -14.31 41.28
CA HIS F 18 0.09 -12.89 41.07
C HIS F 18 1.30 -12.70 40.17
N LYS F 19 2.40 -13.41 40.45
CA LYS F 19 3.62 -13.24 39.67
C LYS F 19 3.41 -13.63 38.22
N GLY F 20 2.75 -14.77 37.98
CA GLY F 20 2.45 -15.16 36.61
C GLY F 20 1.52 -14.19 35.92
N ARG F 21 0.47 -13.77 36.62
CA ARG F 21 -0.46 -12.80 36.04
C ARG F 21 0.19 -11.43 35.90
N ARG F 22 1.11 -11.07 36.80
CA ARG F 22 1.85 -9.83 36.63
C ARG F 22 2.73 -9.89 35.38
N LEU F 23 3.38 -11.02 35.14
CA LEU F 23 4.15 -11.18 33.91
C LEU F 23 3.23 -11.10 32.69
N LEU F 24 2.04 -11.70 32.80
CA LEU F 24 1.07 -11.60 31.71
C LEU F 24 0.70 -10.15 31.43
N ASN F 25 0.48 -9.35 32.46
CA ASN F 25 0.17 -7.94 32.26
C ASN F 25 1.36 -7.21 31.63
N ILE F 26 2.57 -7.51 32.11
CA ILE F 26 3.76 -6.84 31.60
C ILE F 26 3.91 -7.11 30.10
N VAL F 27 3.78 -8.38 29.70
CA VAL F 27 3.88 -8.70 28.29
C VAL F 27 2.69 -8.14 27.52
N TYR F 28 1.52 -8.14 28.14
CA TYR F 28 0.28 -7.64 27.56
C TYR F 28 0.40 -6.18 27.17
N SER F 29 1.17 -5.39 27.92
CA SER F 29 1.41 -3.99 27.60
C SER F 29 2.65 -3.77 26.75
N TRP F 30 3.74 -4.49 27.03
CA TRP F 30 4.96 -4.28 26.28
C TRP F 30 4.84 -4.73 24.83
N GLY F 31 4.10 -5.82 24.59
CA GLY F 31 3.84 -6.22 23.22
C GLY F 31 3.06 -5.18 22.46
N ALA F 32 2.07 -4.57 23.11
CA ALA F 32 1.33 -3.48 22.48
C ALA F 32 2.25 -2.31 22.17
N ALA F 33 3.16 -1.98 23.10
CA ALA F 33 4.10 -0.89 22.85
C ALA F 33 5.00 -1.21 21.66
N VAL F 34 5.50 -2.44 21.58
CA VAL F 34 6.35 -2.83 20.46
C VAL F 34 5.55 -2.80 19.17
N VAL F 35 4.27 -3.17 19.23
CA VAL F 35 3.42 -3.11 18.04
C VAL F 35 3.28 -1.67 17.56
N ILE F 36 3.04 -0.74 18.49
CA ILE F 36 2.95 0.68 18.11
C ILE F 36 4.25 1.11 17.44
N LEU F 37 5.38 0.82 18.08
CA LEU F 37 6.66 1.29 17.56
C LEU F 37 6.95 0.69 16.19
N GLY F 38 6.66 -0.61 16.02
CA GLY F 38 6.88 -1.24 14.74
C GLY F 38 5.98 -0.70 13.65
N ALA F 39 4.71 -0.46 13.97
CA ALA F 39 3.81 0.14 13.00
C ALA F 39 4.30 1.52 12.59
N LEU F 40 4.76 2.31 13.56
CA LEU F 40 5.35 3.61 13.25
C LEU F 40 6.53 3.47 12.30
N PHE F 41 7.47 2.59 12.65
CA PHE F 41 8.72 2.52 11.90
C PHE F 41 8.51 1.97 10.50
N LYS F 42 7.63 0.97 10.35
CA LYS F 42 7.30 0.46 9.02
C LYS F 42 6.54 1.50 8.22
N LEU F 43 5.64 2.25 8.86
CA LEU F 43 4.86 3.26 8.15
C LEU F 43 5.74 4.36 7.60
N LEU F 44 6.70 4.84 8.40
CA LEU F 44 7.55 5.94 8.01
C LEU F 44 8.74 5.51 7.17
N HIS F 45 8.89 4.22 6.91
CA HIS F 45 10.04 3.68 6.18
C HIS F 45 11.35 4.06 6.86
N LEU F 46 11.49 3.60 8.11
CA LEU F 46 12.68 3.83 8.90
C LEU F 46 13.46 2.52 9.04
N PRO F 47 14.78 2.59 9.17
CA PRO F 47 15.58 1.36 9.23
C PRO F 47 15.34 0.59 10.52
N MET F 48 15.47 -0.73 10.41
CA MET F 48 15.43 -1.65 11.55
C MET F 48 14.17 -1.43 12.38
N GLY F 49 13.05 -1.30 11.68
CA GLY F 49 11.75 -1.21 12.33
C GLY F 49 10.83 -2.31 11.87
N ASN F 50 11.11 -2.84 10.67
CA ASN F 50 10.32 -3.94 10.13
C ASN F 50 10.37 -5.16 11.03
N GLU F 51 11.52 -5.39 11.69
CA GLU F 51 11.68 -6.58 12.51
C GLU F 51 10.82 -6.52 13.76
N MET F 52 10.87 -5.39 14.48
CA MET F 52 10.15 -5.31 15.75
C MET F 52 8.64 -5.35 15.55
N LEU F 53 8.14 -5.02 14.36
CA LEU F 53 6.74 -5.29 14.07
C LEU F 53 6.47 -6.79 14.16
N PHE F 54 7.35 -7.61 13.59
CA PHE F 54 7.21 -9.05 13.71
C PHE F 54 7.36 -9.51 15.15
N VAL F 55 8.26 -8.88 15.89
CA VAL F 55 8.45 -9.26 17.30
C VAL F 55 7.17 -9.01 18.08
N GLY F 56 6.57 -7.83 17.92
CA GLY F 56 5.33 -7.54 18.60
C GLY F 56 4.19 -8.43 18.14
N MET F 57 4.15 -8.74 16.85
CA MET F 57 3.10 -9.62 16.33
C MET F 57 3.22 -11.02 16.90
N ILE F 58 4.45 -11.53 17.02
CA ILE F 58 4.67 -12.82 17.68
C ILE F 58 4.26 -12.75 19.13
N THR F 59 4.56 -11.62 19.79
CA THR F 59 4.15 -11.45 21.18
C THR F 59 2.64 -11.55 21.33
N GLU F 60 1.90 -10.84 20.46
CA GLU F 60 0.45 -10.92 20.50
C GLU F 60 -0.06 -12.31 20.16
N PHE F 61 0.62 -13.01 19.26
CA PHE F 61 0.26 -14.39 18.97
C PHE F 61 0.39 -15.26 20.21
N LEU F 62 1.49 -15.08 20.95
CA LEU F 62 1.68 -15.83 22.19
C LEU F 62 0.60 -15.48 23.21
N VAL F 63 0.25 -14.20 23.30
CA VAL F 63 -0.81 -13.79 24.24
C VAL F 63 -2.12 -14.48 23.88
N PHE F 64 -2.50 -14.44 22.61
CA PHE F 64 -3.75 -15.09 22.19
C PHE F 64 -3.68 -16.58 22.43
N PHE F 65 -2.52 -17.19 22.23
CA PHE F 65 -2.34 -18.61 22.50
C PHE F 65 -2.63 -18.90 23.98
N ILE F 66 -1.86 -18.29 24.88
CA ILE F 66 -2.01 -18.58 26.30
C ILE F 66 -3.26 -17.96 26.90
N SER F 67 -3.95 -17.07 26.19
CA SER F 67 -5.19 -16.50 26.70
C SER F 67 -6.33 -17.49 26.70
N GLY F 68 -6.15 -18.66 26.07
CA GLY F 68 -7.23 -19.62 25.99
C GLY F 68 -7.49 -20.41 27.25
N PHE F 69 -6.47 -20.60 28.09
CA PHE F 69 -6.61 -21.38 29.30
C PHE F 69 -6.86 -20.42 30.46
N GLU F 70 -8.13 -20.04 30.62
CA GLU F 70 -8.62 -19.19 31.70
C GLU F 70 -10.13 -19.08 31.54
N LYS F 71 -10.80 -18.65 32.61
CA LYS F 71 -12.25 -18.76 32.73
C LYS F 71 -12.87 -17.41 33.08
N PRO F 72 -13.04 -16.53 32.10
CA PRO F 72 -13.73 -15.25 32.35
C PRO F 72 -15.24 -15.42 32.30
N ALA F 73 -15.87 -15.39 33.47
CA ALA F 73 -17.32 -15.58 33.52
C ALA F 73 -17.90 -15.22 34.88
N MET F 74 -18.92 -14.36 34.89
CA MET F 74 -19.67 -14.07 36.09
C MET F 74 -20.98 -13.40 35.70
N GLU F 75 -21.99 -13.56 36.55
CA GLU F 75 -23.33 -13.06 36.28
C GLU F 75 -23.97 -12.59 37.57
N TYR F 76 -24.50 -11.37 37.57
CA TYR F 76 -24.97 -10.74 38.80
C TYR F 76 -26.40 -11.15 39.16
N HIS F 77 -27.37 -10.74 38.35
CA HIS F 77 -28.81 -11.00 38.58
C HIS F 77 -29.19 -10.94 40.05
N TRP F 78 -28.97 -9.78 40.64
CA TRP F 78 -29.32 -9.57 42.05
C TRP F 78 -30.12 -8.28 42.21
N GLY G 2 -44.75 -19.95 10.05
CA GLY G 2 -44.55 -21.35 9.76
C GLY G 2 -43.62 -22.04 10.74
N HIS G 3 -42.66 -22.80 10.22
CA HIS G 3 -41.68 -23.52 11.03
C HIS G 3 -40.29 -22.90 10.91
N TYR G 4 -40.22 -21.61 10.58
CA TYR G 4 -38.93 -20.95 10.39
C TYR G 4 -38.11 -20.96 11.67
N ARG G 5 -38.74 -20.67 12.81
CA ARG G 5 -38.02 -20.52 14.07
C ARG G 5 -37.71 -21.86 14.74
N ARG G 6 -38.31 -22.96 14.30
CA ARG G 6 -38.10 -24.24 14.97
C ARG G 6 -36.82 -24.92 14.48
N TYR G 7 -35.73 -24.16 14.44
CA TYR G 7 -34.41 -24.73 14.18
C TYR G 7 -33.31 -24.15 15.06
N LYS G 8 -33.57 -23.02 15.74
CA LYS G 8 -32.53 -22.31 16.48
C LYS G 8 -32.92 -22.07 17.94
N ASN G 9 -33.75 -22.94 18.51
CA ASN G 9 -34.24 -22.76 19.87
C ASN G 9 -33.38 -23.48 20.91
N ILE G 10 -32.28 -24.11 20.49
CA ILE G 10 -31.44 -24.91 21.37
C ILE G 10 -30.03 -24.36 21.48
N LEU G 11 -29.81 -23.13 21.02
CA LEU G 11 -28.47 -22.54 21.03
C LEU G 11 -28.29 -21.45 22.08
N GLU G 12 -29.36 -20.74 22.42
CA GLU G 12 -29.24 -19.60 23.33
C GLU G 12 -28.77 -20.04 24.72
N MET G 13 -29.28 -21.16 25.23
CA MET G 13 -28.87 -21.59 26.57
C MET G 13 -27.49 -22.21 26.57
N TYR G 14 -27.08 -22.83 25.46
CA TYR G 14 -25.75 -23.40 25.37
C TYR G 14 -24.67 -22.35 25.19
N LEU G 15 -25.01 -21.22 24.55
CA LEU G 15 -24.02 -20.15 24.40
C LEU G 15 -23.65 -19.54 25.74
N ALA G 16 -24.63 -19.34 26.61
CA ALA G 16 -24.36 -18.84 27.96
C ALA G 16 -24.02 -19.95 28.94
N SER G 17 -24.11 -21.21 28.53
CA SER G 17 -23.71 -22.32 29.39
C SER G 17 -22.22 -22.23 29.70
N HIS G 18 -21.87 -22.47 30.96
CA HIS G 18 -20.48 -22.35 31.38
C HIS G 18 -19.56 -23.24 30.56
N LYS G 19 -20.03 -24.46 30.25
CA LYS G 19 -19.27 -25.33 29.37
C LYS G 19 -19.23 -24.79 27.95
N GLY G 20 -20.24 -24.00 27.57
CA GLY G 20 -20.26 -23.43 26.23
C GLY G 20 -19.54 -22.11 26.10
N ARG G 21 -19.57 -21.28 27.15
CA ARG G 21 -18.81 -20.04 27.12
C ARG G 21 -17.33 -20.33 26.96
N ARG G 22 -16.84 -21.34 27.67
CA ARG G 22 -15.44 -21.74 27.54
C ARG G 22 -15.12 -22.20 26.13
N LEU G 23 -16.01 -22.99 25.52
CA LEU G 23 -15.78 -23.43 24.15
C LEU G 23 -15.73 -22.25 23.18
N LEU G 24 -16.66 -21.31 23.32
CA LEU G 24 -16.67 -20.16 22.42
C LEU G 24 -15.42 -19.33 22.58
N ASN G 25 -15.03 -19.03 23.82
CA ASN G 25 -13.86 -18.20 24.03
C ASN G 25 -12.59 -18.92 23.57
N ILE G 26 -12.52 -20.24 23.76
CA ILE G 26 -11.32 -20.98 23.40
C ILE G 26 -11.17 -21.09 21.89
N VAL G 27 -12.27 -21.33 21.17
CA VAL G 27 -12.19 -21.38 19.71
C VAL G 27 -11.87 -19.99 19.18
N TYR G 28 -12.43 -18.94 19.78
CA TYR G 28 -12.02 -17.58 19.45
C TYR G 28 -10.53 -17.39 19.65
N SER G 29 -9.99 -17.93 20.75
CA SER G 29 -8.61 -17.65 21.11
C SER G 29 -7.64 -18.25 20.10
N TRP G 30 -7.73 -19.56 19.83
CA TRP G 30 -6.82 -20.04 18.80
C TRP G 30 -7.18 -19.55 17.41
N GLY G 31 -8.44 -19.19 17.15
CA GLY G 31 -8.74 -18.57 15.88
C GLY G 31 -7.95 -17.29 15.67
N ALA G 32 -7.97 -16.42 16.68
CA ALA G 32 -7.21 -15.18 16.60
C ALA G 32 -5.72 -15.45 16.50
N ALA G 33 -5.22 -16.43 17.27
CA ALA G 33 -3.80 -16.76 17.20
C ALA G 33 -3.42 -17.21 15.79
N VAL G 34 -4.27 -18.03 15.16
CA VAL G 34 -4.01 -18.49 13.81
C VAL G 34 -4.01 -17.32 12.84
N VAL G 35 -4.95 -16.38 12.99
CA VAL G 35 -4.96 -15.21 12.12
C VAL G 35 -3.67 -14.42 12.25
N ILE G 36 -3.23 -14.18 13.49
CA ILE G 36 -2.01 -13.41 13.71
C ILE G 36 -0.82 -14.11 13.08
N LEU G 37 -0.71 -15.43 13.28
CA LEU G 37 0.45 -16.15 12.77
C LEU G 37 0.42 -16.21 11.24
N GLY G 38 -0.77 -16.36 10.65
CA GLY G 38 -0.86 -16.35 9.20
C GLY G 38 -0.50 -15.00 8.62
N ALA G 39 -0.93 -13.91 9.27
CA ALA G 39 -0.50 -12.59 8.84
C ALA G 39 1.01 -12.45 8.95
N LEU G 40 1.59 -13.00 10.02
CA LEU G 40 3.04 -12.99 10.17
C LEU G 40 3.73 -13.64 8.98
N PHE G 41 3.28 -14.85 8.62
CA PHE G 41 3.89 -15.51 7.46
C PHE G 41 3.69 -14.73 6.18
N LYS G 42 2.50 -14.14 5.99
CA LYS G 42 2.29 -13.36 4.78
C LYS G 42 3.22 -12.16 4.72
N LEU G 43 3.54 -11.56 5.88
CA LEU G 43 4.49 -10.45 5.89
C LEU G 43 5.91 -10.91 5.55
N LEU G 44 6.29 -12.10 6.00
CA LEU G 44 7.65 -12.59 5.82
C LEU G 44 7.86 -13.29 4.48
N HIS G 45 6.83 -13.38 3.64
CA HIS G 45 6.84 -14.05 2.34
C HIS G 45 6.97 -15.56 2.43
N LEU G 46 7.11 -16.13 3.64
CA LEU G 46 7.22 -17.56 3.78
C LEU G 46 5.90 -18.24 3.39
N PRO G 47 5.97 -19.44 2.81
CA PRO G 47 4.75 -20.07 2.28
C PRO G 47 3.90 -20.67 3.38
N MET G 48 2.68 -21.05 2.99
CA MET G 48 1.67 -21.63 3.87
C MET G 48 1.31 -20.62 4.98
N GLY G 49 0.85 -19.45 4.53
CA GLY G 49 0.25 -18.49 5.43
C GLY G 49 -1.13 -18.07 4.99
N ASN G 50 -1.37 -18.14 3.68
CA ASN G 50 -2.67 -17.75 3.14
C ASN G 50 -3.76 -18.70 3.60
N GLU G 51 -3.46 -20.00 3.64
CA GLU G 51 -4.44 -20.98 4.09
C GLU G 51 -4.80 -20.75 5.55
N MET G 52 -3.80 -20.42 6.38
CA MET G 52 -4.09 -20.19 7.79
C MET G 52 -4.88 -18.91 7.98
N LEU G 53 -4.58 -17.87 7.19
CA LEU G 53 -5.44 -16.70 7.16
C LEU G 53 -6.88 -17.08 6.83
N PHE G 54 -7.06 -17.92 5.83
CA PHE G 54 -8.40 -18.30 5.40
C PHE G 54 -9.14 -19.00 6.53
N VAL G 55 -8.51 -20.01 7.13
CA VAL G 55 -9.19 -20.78 8.17
C VAL G 55 -9.45 -19.92 9.40
N GLY G 56 -8.52 -19.01 9.73
CA GLY G 56 -8.75 -18.13 10.87
C GLY G 56 -9.88 -17.17 10.63
N MET G 57 -9.96 -16.59 9.43
CA MET G 57 -11.06 -15.70 9.11
C MET G 57 -12.40 -16.43 9.16
N ILE G 58 -12.44 -17.65 8.62
CA ILE G 58 -13.68 -18.42 8.67
C ILE G 58 -14.07 -18.72 10.11
N THR G 59 -13.10 -19.11 10.94
CA THR G 59 -13.39 -19.41 12.33
C THR G 59 -13.91 -18.19 13.06
N GLU G 60 -13.30 -17.02 12.85
CA GLU G 60 -13.79 -15.81 13.48
C GLU G 60 -15.17 -15.42 12.98
N PHE G 61 -15.43 -15.56 11.68
CA PHE G 61 -16.75 -15.25 11.17
C PHE G 61 -17.79 -16.14 11.83
N LEU G 62 -17.50 -17.44 11.93
CA LEU G 62 -18.43 -18.37 12.55
C LEU G 62 -18.67 -18.01 14.01
N VAL G 63 -17.60 -17.79 14.77
CA VAL G 63 -17.76 -17.56 16.21
C VAL G 63 -18.48 -16.25 16.46
N PHE G 64 -18.27 -15.25 15.61
CA PHE G 64 -18.96 -13.98 15.81
C PHE G 64 -20.42 -14.08 15.39
N PHE G 65 -20.71 -14.80 14.29
CA PHE G 65 -22.09 -14.96 13.87
C PHE G 65 -22.91 -15.71 14.91
N ILE G 66 -22.37 -16.83 15.40
CA ILE G 66 -23.12 -17.64 16.36
C ILE G 66 -23.30 -16.89 17.67
N SER G 67 -22.31 -16.10 18.07
CA SER G 67 -22.40 -15.35 19.32
C SER G 67 -23.44 -14.25 19.26
N GLY G 68 -24.11 -14.06 18.12
CA GLY G 68 -25.13 -13.04 18.00
C GLY G 68 -26.42 -13.33 18.73
N PHE G 69 -26.58 -14.54 19.27
CA PHE G 69 -27.78 -14.93 20.00
C PHE G 69 -27.44 -15.05 21.48
N GLU G 70 -27.50 -13.93 22.19
CA GLU G 70 -27.26 -13.94 23.63
C GLU G 70 -27.79 -12.62 24.20
N LYS G 71 -28.18 -12.65 25.48
CA LYS G 71 -28.88 -11.55 26.11
C LYS G 71 -28.17 -11.08 27.38
N PRO G 72 -27.26 -10.11 27.25
CA PRO G 72 -26.64 -9.50 28.43
C PRO G 72 -27.35 -8.22 28.86
N ALA G 73 -27.40 -8.01 30.19
CA ALA G 73 -28.06 -6.84 30.73
C ALA G 73 -27.71 -6.63 32.21
N MET G 74 -27.24 -5.43 32.56
CA MET G 74 -26.97 -5.07 33.94
C MET G 74 -26.98 -3.54 34.07
N GLU G 75 -27.31 -3.07 35.27
CA GLU G 75 -27.41 -1.64 35.54
C GLU G 75 -27.50 -1.43 37.05
N TYR G 76 -27.01 -0.28 37.51
CA TYR G 76 -27.07 0.12 38.91
C TYR G 76 -27.78 1.47 39.05
N HIS G 77 -28.02 1.84 40.31
CA HIS G 77 -28.52 3.15 40.71
C HIS G 77 -28.36 3.22 42.21
N TRP G 78 -28.74 4.37 42.79
CA TRP G 78 -28.70 4.54 44.24
C TRP G 78 -29.58 5.70 44.68
#